data_7QQJ
#
_entry.id   7QQJ
#
_cell.length_a   51.639
_cell.length_b   90.828
_cell.length_c   96.170
_cell.angle_alpha   90.000
_cell.angle_beta   92.832
_cell.angle_gamma   90.000
#
_symmetry.space_group_name_H-M   'P 1 21 1'
#
loop_
_entity.id
_entity.type
_entity.pdbx_description
1 polymer 'Sucrose phosphorylase'
2 non-polymer 2-AMINO-2-HYDROXYMETHYL-PROPANE-1,3-DIOL
3 water water
#
_entity_poly.entity_id   1
_entity_poly.type   'polypeptide(L)'
_entity_poly.pdbx_seq_one_letter_code
;MKIKNEVMLITYPDSLGSNLKDLKYVLEAHLKEVVGGVHILPFYPSSGDRGFAPMDYTKVDEPFGTWEDIREISNEFYTM
YEFMINHISKESVYFKDFIEKKEESPYKDLFIRYSDYWPENRPTERDIDLIYKRKDKAPFIDVTFKDGSTDQVWCTFSEE
QIDLDVRTEATRKFVRETLEFLAQQGASIIRLDAFAYAIKKLDTNCFFVEPEIWELLDWCRDILEKHEIVLLPEIHEHYT
IQEKIADKGYPVYDFALPMLVLHALYSGRSERLAHWLKACPRKQFTTLDTHDGIGVVDVKDLLTEEEVEFTVNSLYEKGA
NVKRVYSSEEYNNLDIYQINCTYYSALGNDDQAYLLARAIQMFAPGIPQVYYVGLFAGENDIELLEQTKEGRDINRHYYS
LEEIEKELERPVVQELFDLMKFRNQSKAFDGTVDVQTTFDHLLKITWTNGDSKAVLEANLADKTFKIYLEHHHHHH
;
_entity_poly.pdbx_strand_id   A,B
#
# COMPACT_ATOMS: atom_id res chain seq x y z
N MET A 1 -13.50 -13.74 21.05
CA MET A 1 -13.11 -14.42 22.31
C MET A 1 -12.90 -13.41 23.45
N LYS A 2 -13.55 -13.61 24.60
CA LYS A 2 -13.44 -12.70 25.76
C LYS A 2 -12.00 -12.77 26.28
N ILE A 3 -11.47 -11.64 26.77
CA ILE A 3 -10.14 -11.60 27.46
C ILE A 3 -10.12 -12.70 28.53
N LYS A 4 -8.97 -13.37 28.70
CA LYS A 4 -8.69 -14.39 29.73
C LYS A 4 -7.38 -14.03 30.45
N ASN A 5 -7.17 -14.58 31.64
CA ASN A 5 -5.95 -14.31 32.43
C ASN A 5 -4.83 -15.23 31.94
N GLU A 6 -4.41 -15.03 30.68
CA GLU A 6 -3.44 -15.84 29.94
C GLU A 6 -2.48 -14.92 29.20
N VAL A 7 -1.31 -15.43 28.84
CA VAL A 7 -0.26 -14.61 28.19
C VAL A 7 -0.81 -14.08 26.87
N MET A 8 -0.52 -12.82 26.59
CA MET A 8 -0.80 -12.18 25.31
C MET A 8 0.51 -12.02 24.53
N LEU A 9 0.52 -12.45 23.28
CA LEU A 9 1.64 -12.22 22.34
C LEU A 9 1.50 -10.80 21.81
N ILE A 10 2.62 -10.08 21.67
CA ILE A 10 2.73 -8.83 20.88
C ILE A 10 3.46 -9.16 19.57
N THR A 11 2.83 -8.93 18.41
CA THR A 11 3.51 -9.15 17.12
C THR A 11 3.10 -8.10 16.10
N TYR A 12 3.97 -7.89 15.12
CA TYR A 12 3.63 -7.24 13.84
C TYR A 12 2.82 -8.25 13.01
N PRO A 13 1.97 -7.77 12.08
CA PRO A 13 1.22 -8.65 11.17
C PRO A 13 2.13 -9.45 10.22
N ASP A 14 3.35 -8.96 9.98
CA ASP A 14 4.35 -9.54 9.04
C ASP A 14 5.66 -9.89 9.73
N SER A 15 5.73 -10.13 11.05
CA SER A 15 7.04 -10.45 11.72
C SER A 15 7.18 -11.95 12.03
N LEU A 16 6.10 -12.72 11.95
CA LEU A 16 6.09 -14.20 12.19
C LEU A 16 5.61 -14.86 10.90
N GLY A 17 6.52 -15.23 10.02
CA GLY A 17 6.24 -15.48 8.59
C GLY A 17 5.95 -14.16 7.91
N SER A 18 5.24 -14.21 6.79
CA SER A 18 5.17 -13.11 5.79
C SER A 18 4.00 -12.15 6.06
N ASN A 19 2.94 -12.61 6.74
CA ASN A 19 1.58 -12.01 6.68
C ASN A 19 0.67 -12.66 7.73
N LEU A 20 -0.62 -12.31 7.74
CA LEU A 20 -1.56 -12.70 8.82
C LEU A 20 -1.93 -14.17 8.70
N LYS A 21 -1.87 -14.75 7.49
CA LYS A 21 -2.10 -16.20 7.23
C LYS A 21 -0.97 -17.01 7.89
N ASP A 22 0.28 -16.59 7.68
CA ASP A 22 1.47 -17.16 8.36
C ASP A 22 1.34 -16.99 9.89
N LEU A 23 0.92 -15.81 10.37
CA LEU A 23 0.78 -15.54 11.83
C LEU A 23 -0.20 -16.57 12.39
N LYS A 24 -1.31 -16.80 11.70
CA LYS A 24 -2.40 -17.71 12.14
C LYS A 24 -1.87 -19.15 12.20
N TYR A 25 -1.09 -19.57 11.20
CA TYR A 25 -0.43 -20.91 11.17
C TYR A 25 0.52 -21.04 12.37
N VAL A 26 1.35 -20.03 12.63
CA VAL A 26 2.35 -20.08 13.75
C VAL A 26 1.62 -20.21 15.09
N LEU A 27 0.59 -19.40 15.34
CA LEU A 27 -0.31 -19.47 16.54
C LEU A 27 -0.91 -20.88 16.72
N GLU A 28 -1.60 -21.40 15.71
CA GLU A 28 -2.33 -22.68 15.82
C GLU A 28 -1.35 -23.87 15.89
N ALA A 29 -0.21 -23.81 15.20
CA ALA A 29 0.74 -24.94 15.03
C ALA A 29 1.72 -25.00 16.19
N HIS A 30 2.14 -23.86 16.78
CA HIS A 30 3.20 -23.84 17.82
C HIS A 30 2.78 -23.21 19.15
N LEU A 31 1.81 -22.29 19.19
CA LEU A 31 1.58 -21.35 20.34
C LEU A 31 0.23 -21.60 21.04
N LYS A 32 -0.55 -22.62 20.68
CA LYS A 32 -1.90 -22.82 21.27
C LYS A 32 -1.78 -22.95 22.80
N GLU A 33 -0.78 -23.67 23.29
CA GLU A 33 -0.58 -23.84 24.76
C GLU A 33 -0.13 -22.50 25.42
N VAL A 34 0.65 -21.66 24.74
CA VAL A 34 1.62 -20.75 25.43
C VAL A 34 1.13 -19.31 25.37
N VAL A 35 0.22 -18.99 24.46
CA VAL A 35 -0.46 -17.66 24.45
C VAL A 35 -1.97 -17.90 24.27
N GLY A 36 -2.77 -17.24 25.10
CA GLY A 36 -4.23 -17.16 25.01
C GLY A 36 -4.68 -15.94 24.25
N GLY A 37 -3.79 -14.96 24.04
CA GLY A 37 -4.18 -13.68 23.40
C GLY A 37 -3.12 -13.14 22.42
N VAL A 38 -3.52 -12.26 21.50
CA VAL A 38 -2.58 -11.64 20.52
C VAL A 38 -2.89 -10.15 20.34
N HIS A 39 -1.87 -9.35 20.53
CA HIS A 39 -1.79 -7.91 20.18
C HIS A 39 -1.12 -7.82 18.81
N ILE A 40 -1.92 -7.56 17.79
CA ILE A 40 -1.38 -7.29 16.44
C ILE A 40 -1.19 -5.78 16.37
N LEU A 41 0.06 -5.35 16.16
CA LEU A 41 0.44 -3.93 16.03
C LEU A 41 -0.25 -3.39 14.77
N PRO A 42 -0.47 -2.06 14.66
CA PRO A 42 -1.35 -1.52 13.62
C PRO A 42 -1.04 -2.12 12.23
N PHE A 43 -2.11 -2.60 11.60
CA PHE A 43 -2.12 -3.41 10.34
C PHE A 43 -2.99 -2.72 9.28
N TYR A 44 -3.41 -1.49 9.57
CA TYR A 44 -4.20 -0.63 8.65
C TYR A 44 -3.21 0.02 7.69
N PRO A 45 -3.63 0.50 6.50
CA PRO A 45 -2.74 1.29 5.66
C PRO A 45 -2.26 2.50 6.48
N SER A 46 -0.99 2.82 6.36
CA SER A 46 -0.25 3.81 7.18
C SER A 46 0.75 4.53 6.25
N SER A 47 0.98 5.83 6.47
CA SER A 47 1.93 6.65 5.67
C SER A 47 3.22 6.90 6.45
N GLY A 48 3.41 6.25 7.60
CA GLY A 48 4.68 6.29 8.33
C GLY A 48 4.64 5.65 9.71
N ASP A 49 5.78 5.63 10.38
CA ASP A 49 5.93 5.22 11.79
C ASP A 49 5.40 3.77 11.92
N ARG A 50 5.80 2.93 10.96
CA ARG A 50 5.39 1.50 10.80
C ARG A 50 4.05 1.20 11.50
N GLY A 51 2.96 1.73 10.95
CA GLY A 51 1.58 1.49 11.39
C GLY A 51 0.97 2.66 12.14
N PHE A 52 1.78 3.49 12.81
CA PHE A 52 1.28 4.53 13.74
C PHE A 52 0.89 5.85 13.02
N ALA A 53 0.84 5.88 11.66
CA ALA A 53 0.19 6.97 10.87
C ALA A 53 -0.92 6.41 9.98
N PRO A 54 -2.03 5.92 10.56
CA PRO A 54 -3.04 5.18 9.79
C PRO A 54 -3.94 6.08 8.95
N MET A 55 -4.31 5.55 7.78
CA MET A 55 -5.08 6.28 6.74
C MET A 55 -6.54 5.85 6.74
N ASP A 56 -6.81 4.62 7.17
CA ASP A 56 -8.11 3.94 6.98
C ASP A 56 -8.15 2.71 7.87
N TYR A 57 -9.07 2.69 8.83
CA TYR A 57 -9.26 1.53 9.75
C TYR A 57 -10.13 0.45 9.12
N THR A 58 -10.86 0.77 8.05
CA THR A 58 -11.89 -0.15 7.51
C THR A 58 -11.21 -1.14 6.57
N LYS A 59 -9.89 -1.07 6.41
CA LYS A 59 -9.16 -2.10 5.62
C LYS A 59 -7.84 -2.53 6.28
N VAL A 60 -7.46 -3.78 6.02
CA VAL A 60 -6.13 -4.32 6.38
C VAL A 60 -5.22 -3.93 5.23
N ASP A 61 -4.01 -3.43 5.50
CA ASP A 61 -3.04 -3.14 4.43
C ASP A 61 -2.81 -4.44 3.65
N GLU A 62 -2.90 -4.35 2.31
CA GLU A 62 -3.12 -5.51 1.40
C GLU A 62 -1.99 -6.52 1.58
N PRO A 63 -0.71 -6.11 1.67
CA PRO A 63 0.38 -7.06 1.87
C PRO A 63 0.20 -7.95 3.12
N PHE A 64 -0.51 -7.51 4.18
CA PHE A 64 -0.65 -8.31 5.43
C PHE A 64 -1.77 -9.34 5.25
N GLY A 65 -2.77 -9.06 4.40
CA GLY A 65 -3.97 -9.88 4.25
C GLY A 65 -5.24 -9.05 4.38
N THR A 66 -6.27 -9.62 4.95
CA THR A 66 -7.61 -8.99 5.00
C THR A 66 -8.16 -9.05 6.42
N TRP A 67 -9.25 -8.34 6.63
CA TRP A 67 -10.04 -8.40 7.88
C TRP A 67 -10.49 -9.83 8.19
N GLU A 68 -10.87 -10.61 7.19
CA GLU A 68 -11.27 -12.04 7.39
C GLU A 68 -10.14 -12.83 8.08
N ASP A 69 -8.88 -12.63 7.70
CA ASP A 69 -7.69 -13.24 8.34
C ASP A 69 -7.58 -12.83 9.83
N ILE A 70 -7.88 -11.57 10.14
CA ILE A 70 -7.90 -11.01 11.52
C ILE A 70 -9.03 -11.71 12.27
N ARG A 71 -10.23 -11.79 11.69
CA ARG A 71 -11.41 -12.44 12.32
C ARG A 71 -11.09 -13.90 12.67
N GLU A 72 -10.36 -14.65 11.83
CA GLU A 72 -10.09 -16.09 12.11
C GLU A 72 -9.15 -16.21 13.33
N ILE A 73 -8.17 -15.32 13.43
CA ILE A 73 -7.25 -15.27 14.60
C ILE A 73 -8.08 -14.95 15.86
N SER A 74 -9.06 -14.03 15.78
CA SER A 74 -9.98 -13.63 16.90
C SER A 74 -10.82 -14.79 17.44
N ASN A 75 -11.08 -15.83 16.65
CA ASN A 75 -11.96 -16.95 17.09
C ASN A 75 -11.21 -17.82 18.09
N GLU A 76 -9.88 -17.91 18.01
CA GLU A 76 -9.03 -18.86 18.79
C GLU A 76 -8.26 -18.15 19.93
N PHE A 77 -8.06 -16.84 19.83
CA PHE A 77 -7.23 -16.02 20.75
C PHE A 77 -7.94 -14.70 20.98
N TYR A 78 -7.94 -14.21 22.22
CA TYR A 78 -8.48 -12.87 22.52
C TYR A 78 -7.50 -11.88 21.89
N THR A 79 -7.99 -10.82 21.29
CA THR A 79 -7.18 -9.98 20.38
C THR A 79 -7.19 -8.55 20.92
N MET A 80 -6.08 -7.86 20.67
CA MET A 80 -5.99 -6.40 20.95
C MET A 80 -5.62 -5.71 19.64
N TYR A 81 -6.43 -4.72 19.25
CA TYR A 81 -6.16 -3.82 18.10
C TYR A 81 -5.97 -2.40 18.65
N GLU A 82 -5.27 -1.59 17.87
CA GLU A 82 -4.91 -0.20 18.22
C GLU A 82 -5.88 0.75 17.57
N PHE A 83 -6.27 1.77 18.31
CA PHE A 83 -6.92 2.96 17.73
C PHE A 83 -6.08 4.17 18.07
N MET A 84 -5.70 4.96 17.08
CA MET A 84 -4.86 6.16 17.33
C MET A 84 -5.83 7.32 17.59
N ILE A 85 -6.22 7.55 18.85
CA ILE A 85 -7.27 8.57 19.17
C ILE A 85 -6.69 9.97 18.95
N ASN A 86 -5.37 10.12 19.01
CA ASN A 86 -4.71 11.44 18.97
C ASN A 86 -4.59 11.98 17.53
N HIS A 87 -4.49 11.13 16.51
CA HIS A 87 -4.07 11.57 15.16
C HIS A 87 -4.36 10.50 14.09
N ILE A 88 -4.36 10.97 12.85
CA ILE A 88 -4.66 10.19 11.61
C ILE A 88 -3.66 10.68 10.55
N SER A 89 -3.42 9.90 9.49
CA SER A 89 -2.45 10.20 8.40
C SER A 89 -2.87 11.47 7.63
N LYS A 90 -1.92 12.34 7.29
CA LYS A 90 -2.10 13.44 6.32
C LYS A 90 -2.53 12.86 4.98
N GLU A 91 -2.27 11.56 4.76
CA GLU A 91 -2.55 10.85 3.48
C GLU A 91 -3.94 10.26 3.50
N SER A 92 -4.63 10.30 4.65
CA SER A 92 -6.05 9.91 4.78
C SER A 92 -6.93 10.75 3.84
N VAL A 93 -7.97 10.09 3.32
CA VAL A 93 -9.07 10.75 2.58
C VAL A 93 -9.61 11.93 3.41
N TYR A 94 -9.65 11.80 4.73
CA TYR A 94 -10.31 12.77 5.63
C TYR A 94 -9.54 14.09 5.54
N PHE A 95 -8.20 14.02 5.65
CA PHE A 95 -7.32 15.21 5.66
C PHE A 95 -7.23 15.77 4.22
N LYS A 96 -7.12 14.89 3.23
CA LYS A 96 -7.02 15.32 1.80
C LYS A 96 -8.31 16.05 1.40
N ASP A 97 -9.47 15.55 1.83
CA ASP A 97 -10.79 16.24 1.68
C ASP A 97 -10.76 17.64 2.35
N PHE A 98 -10.13 17.77 3.52
CA PHE A 98 -10.05 19.04 4.27
C PHE A 98 -9.23 20.06 3.45
N ILE A 99 -8.07 19.65 2.91
CA ILE A 99 -7.17 20.55 2.13
C ILE A 99 -7.89 21.01 0.86
N GLU A 100 -8.65 20.11 0.23
CA GLU A 100 -9.36 20.39 -1.05
C GLU A 100 -10.52 21.35 -0.78
N LYS A 101 -11.48 20.97 0.05
CA LYS A 101 -12.81 21.62 0.17
C LYS A 101 -12.87 22.60 1.34
N LYS A 102 -11.87 22.55 2.24
CA LYS A 102 -11.76 23.45 3.42
C LYS A 102 -13.11 23.51 4.14
N GLU A 103 -13.74 24.70 4.18
CA GLU A 103 -15.02 24.94 4.91
C GLU A 103 -16.13 24.02 4.39
N GLU A 104 -16.00 23.48 3.17
CA GLU A 104 -17.05 22.61 2.57
C GLU A 104 -16.74 21.12 2.83
N SER A 105 -15.63 20.81 3.52
CA SER A 105 -15.27 19.41 3.85
C SER A 105 -16.17 18.94 4.99
N PRO A 106 -16.80 17.75 4.89
CA PRO A 106 -17.45 17.14 6.05
C PRO A 106 -16.45 16.72 7.15
N TYR A 107 -15.14 16.78 6.87
CA TYR A 107 -14.03 16.37 7.77
C TYR A 107 -13.26 17.58 8.35
N LYS A 108 -13.68 18.82 8.07
CA LYS A 108 -12.96 20.03 8.57
C LYS A 108 -12.87 20.04 10.10
N ASP A 109 -13.89 19.58 10.82
CA ASP A 109 -13.95 19.63 12.31
C ASP A 109 -13.12 18.49 12.93
N LEU A 110 -12.53 17.60 12.13
CA LEU A 110 -11.66 16.50 12.66
C LEU A 110 -10.28 17.05 13.03
N PHE A 111 -9.88 18.25 12.55
CA PHE A 111 -8.50 18.80 12.70
C PHE A 111 -8.55 20.14 13.45
N ILE A 112 -7.48 20.45 14.16
CA ILE A 112 -7.41 21.69 14.98
C ILE A 112 -6.61 22.73 14.21
N ARG A 113 -7.31 23.78 13.74
CA ARG A 113 -6.70 24.93 13.03
C ARG A 113 -6.18 25.92 14.07
N TYR A 114 -4.96 26.40 13.87
CA TYR A 114 -4.27 27.43 14.70
C TYR A 114 -5.12 28.71 14.78
N SER A 115 -5.57 29.23 13.63
CA SER A 115 -6.45 30.44 13.56
C SER A 115 -7.68 30.27 14.43
N ASP A 116 -8.27 29.07 14.52
CA ASP A 116 -9.52 28.81 15.28
C ASP A 116 -9.21 28.57 16.77
N TYR A 117 -8.08 27.95 17.11
CA TYR A 117 -7.79 27.50 18.49
C TYR A 117 -7.35 28.66 19.38
N TRP A 118 -6.45 29.52 18.87
CA TRP A 118 -5.80 30.59 19.67
C TRP A 118 -6.64 31.85 19.59
N PRO A 119 -7.10 32.42 20.73
CA PRO A 119 -7.71 33.74 20.71
C PRO A 119 -6.76 34.80 20.14
N GLU A 120 -7.25 36.02 19.93
CA GLU A 120 -6.48 37.20 19.43
C GLU A 120 -5.27 37.46 20.32
N ASN A 121 -4.11 37.72 19.71
CA ASN A 121 -2.85 38.07 20.40
C ASN A 121 -2.36 36.85 21.16
N ARG A 122 -2.70 35.65 20.70
CA ARG A 122 -2.21 34.37 21.27
C ARG A 122 -1.90 33.46 20.09
N PRO A 123 -0.98 32.48 20.25
CA PRO A 123 -0.34 32.21 21.54
C PRO A 123 0.77 33.23 21.90
N THR A 124 0.92 33.54 23.18
CA THR A 124 2.15 34.15 23.76
C THR A 124 3.29 33.14 23.79
N GLU A 125 4.50 33.62 24.07
CA GLU A 125 5.71 32.77 24.25
C GLU A 125 5.44 31.79 25.40
N ARG A 126 4.75 32.24 26.46
CA ARG A 126 4.37 31.41 27.64
C ARG A 126 3.40 30.29 27.21
N ASP A 127 2.37 30.64 26.42
CA ASP A 127 1.37 29.68 25.90
C ASP A 127 2.12 28.49 25.28
N ILE A 128 3.12 28.76 24.43
CA ILE A 128 3.84 27.71 23.63
C ILE A 128 4.79 26.93 24.55
N ASP A 129 5.50 27.65 25.43
CA ASP A 129 6.44 27.07 26.43
C ASP A 129 5.65 26.14 27.38
N LEU A 130 4.41 26.47 27.74
CA LEU A 130 3.62 25.62 28.68
C LEU A 130 3.36 24.23 28.05
N ILE A 131 3.22 24.16 26.71
CA ILE A 131 2.82 22.90 26.01
C ILE A 131 3.91 21.86 26.23
N TYR A 132 3.57 20.66 26.70
CA TYR A 132 4.48 19.50 26.74
C TYR A 132 4.83 19.10 25.29
N LYS A 133 6.06 19.38 24.88
N LYS A 133 6.07 19.39 24.87
CA LYS A 133 6.52 19.23 23.47
CA LYS A 133 6.51 19.24 23.46
C LYS A 133 7.40 17.97 23.35
C LYS A 133 7.40 17.99 23.33
N ARG A 134 7.23 17.25 22.23
CA ARG A 134 7.93 15.98 21.91
C ARG A 134 9.00 16.28 20.84
N LYS A 135 9.10 17.53 20.41
CA LYS A 135 10.06 18.04 19.40
C LYS A 135 10.49 19.44 19.85
N ASP A 136 11.37 20.09 19.09
CA ASP A 136 11.98 21.41 19.41
C ASP A 136 11.02 22.57 19.11
N LYS A 137 10.13 22.39 18.12
CA LYS A 137 9.15 23.41 17.64
C LYS A 137 7.80 23.28 18.37
N ALA A 138 6.99 24.35 18.36
CA ALA A 138 5.54 24.32 18.69
C ALA A 138 4.87 23.25 17.84
N PRO A 139 3.82 22.55 18.33
CA PRO A 139 3.30 21.35 17.66
C PRO A 139 2.29 21.66 16.54
N PHE A 140 2.75 22.36 15.51
CA PHE A 140 1.93 22.89 14.39
C PHE A 140 2.72 22.70 13.11
N ILE A 141 2.01 22.43 12.02
CA ILE A 141 2.62 22.45 10.66
C ILE A 141 1.77 23.38 9.80
N ASP A 142 2.39 24.02 8.82
CA ASP A 142 1.69 24.90 7.85
C ASP A 142 0.87 24.00 6.94
N VAL A 143 -0.32 24.46 6.55
CA VAL A 143 -1.09 23.85 5.43
C VAL A 143 -1.47 24.97 4.46
N THR A 144 -1.54 24.61 3.18
CA THR A 144 -2.12 25.43 2.09
C THR A 144 -3.37 24.69 1.61
N PHE A 145 -4.50 25.38 1.67
CA PHE A 145 -5.79 24.87 1.14
C PHE A 145 -5.77 25.00 -0.39
N LYS A 146 -6.64 24.23 -1.06
CA LYS A 146 -6.82 24.30 -2.54
C LYS A 146 -7.09 25.76 -2.92
N ASP A 147 -8.05 26.43 -2.25
CA ASP A 147 -8.49 27.83 -2.54
C ASP A 147 -7.35 28.84 -2.31
N GLY A 148 -6.18 28.37 -1.84
CA GLY A 148 -4.96 29.20 -1.80
C GLY A 148 -4.70 29.79 -0.42
N SER A 149 -5.70 29.76 0.48
CA SER A 149 -5.56 30.21 1.88
C SER A 149 -4.63 29.25 2.61
N THR A 150 -4.08 29.74 3.73
CA THR A 150 -2.98 29.09 4.49
C THR A 150 -3.43 29.10 5.94
N ASP A 151 -2.90 28.17 6.73
CA ASP A 151 -3.19 28.06 8.19
C ASP A 151 -2.13 27.12 8.77
N GLN A 152 -2.29 26.75 10.03
CA GLN A 152 -1.49 25.70 10.68
C GLN A 152 -2.46 24.73 11.33
N VAL A 153 -2.11 23.45 11.31
CA VAL A 153 -2.88 22.39 12.01
C VAL A 153 -1.97 21.80 13.08
N TRP A 154 -2.56 21.50 14.22
CA TRP A 154 -1.91 20.83 15.36
C TRP A 154 -1.32 19.51 14.88
N CYS A 155 -0.06 19.32 15.21
CA CYS A 155 0.73 18.14 14.83
C CYS A 155 1.71 17.85 15.98
N THR A 156 1.42 16.85 16.79
CA THR A 156 2.20 16.49 18.01
C THR A 156 3.47 15.74 17.62
N PHE A 157 3.34 14.76 16.76
CA PHE A 157 4.44 13.82 16.43
C PHE A 157 4.99 14.21 15.05
N SER A 158 5.05 13.28 14.12
CA SER A 158 5.65 13.50 12.78
C SER A 158 4.66 14.27 11.90
N GLU A 159 5.16 14.85 10.81
CA GLU A 159 4.39 15.62 9.79
C GLU A 159 3.43 14.69 9.03
N GLU A 160 3.56 13.37 9.17
CA GLU A 160 2.58 12.37 8.63
C GLU A 160 1.32 12.32 9.50
N GLN A 161 1.39 12.79 10.75
CA GLN A 161 0.39 12.50 11.82
C GLN A 161 -0.28 13.82 12.23
N ILE A 162 -1.53 13.98 11.81
CA ILE A 162 -2.33 15.22 12.05
C ILE A 162 -3.28 14.93 13.20
N ASP A 163 -3.26 15.79 14.22
CA ASP A 163 -4.05 15.58 15.47
C ASP A 163 -5.53 15.70 15.13
N LEU A 164 -6.31 14.82 15.75
CA LEU A 164 -7.80 14.90 15.72
C LEU A 164 -8.26 15.92 16.78
N ASP A 165 -9.40 16.54 16.56
CA ASP A 165 -10.03 17.47 17.52
C ASP A 165 -11.20 16.75 18.18
N VAL A 166 -10.99 16.17 19.36
CA VAL A 166 -11.99 15.26 20.03
C VAL A 166 -13.12 16.10 20.65
N ARG A 167 -13.12 17.42 20.47
CA ARG A 167 -14.17 18.32 21.01
C ARG A 167 -15.39 18.34 20.08
N THR A 168 -15.26 17.86 18.84
CA THR A 168 -16.25 18.14 17.77
C THR A 168 -17.15 16.92 17.57
N GLU A 169 -18.36 17.16 17.07
CA GLU A 169 -19.32 16.07 16.83
C GLU A 169 -18.76 15.19 15.70
N ALA A 170 -18.08 15.77 14.71
CA ALA A 170 -17.48 15.05 13.57
C ALA A 170 -16.41 14.05 14.06
N THR A 171 -15.49 14.47 14.91
CA THR A 171 -14.44 13.56 15.45
C THR A 171 -15.11 12.47 16.29
N ARG A 172 -16.12 12.83 17.09
CA ARG A 172 -16.81 11.86 17.97
C ARG A 172 -17.48 10.79 17.11
N LYS A 173 -18.08 11.17 15.97
CA LYS A 173 -18.74 10.22 15.04
C LYS A 173 -17.66 9.30 14.44
N PHE A 174 -16.53 9.85 13.98
CA PHE A 174 -15.40 9.08 13.41
C PHE A 174 -14.89 8.04 14.43
N VAL A 175 -14.64 8.48 15.63
CA VAL A 175 -14.10 7.62 16.73
C VAL A 175 -15.14 6.56 17.07
N ARG A 176 -16.42 6.96 17.30
CA ARG A 176 -17.52 6.02 17.65
C ARG A 176 -17.62 4.91 16.58
N GLU A 177 -17.74 5.29 15.31
CA GLU A 177 -17.89 4.34 14.18
C GLU A 177 -16.64 3.44 14.12
N THR A 178 -15.44 3.99 14.25
CA THR A 178 -14.20 3.18 14.19
C THR A 178 -14.17 2.20 15.37
N LEU A 179 -14.48 2.65 16.58
CA LEU A 179 -14.51 1.74 17.74
C LEU A 179 -15.56 0.64 17.52
N GLU A 180 -16.74 0.98 16.95
CA GLU A 180 -17.82 0.01 16.62
C GLU A 180 -17.31 -0.99 15.54
N PHE A 181 -16.62 -0.51 14.52
CA PHE A 181 -16.09 -1.35 13.41
C PHE A 181 -15.06 -2.34 13.97
N LEU A 182 -14.14 -1.84 14.79
CA LEU A 182 -13.08 -2.68 15.42
C LEU A 182 -13.72 -3.71 16.36
N ALA A 183 -14.77 -3.33 17.09
CA ALA A 183 -15.57 -4.24 17.97
C ALA A 183 -16.11 -5.41 17.14
N GLN A 184 -16.51 -5.13 15.89
CA GLN A 184 -17.18 -6.11 15.00
C GLN A 184 -16.17 -7.03 14.31
N GLN A 185 -14.88 -6.65 14.25
CA GLN A 185 -13.77 -7.53 13.78
C GLN A 185 -13.17 -8.39 14.91
N GLY A 186 -13.81 -8.51 16.07
CA GLY A 186 -13.48 -9.53 17.08
C GLY A 186 -12.56 -9.07 18.20
N ALA A 187 -12.27 -7.76 18.36
CA ALA A 187 -11.36 -7.27 19.42
C ALA A 187 -11.90 -7.59 20.82
N SER A 188 -11.05 -8.02 21.76
CA SER A 188 -11.41 -8.16 23.20
C SER A 188 -10.87 -6.94 23.92
N ILE A 189 -9.85 -6.31 23.35
CA ILE A 189 -9.23 -5.08 23.91
C ILE A 189 -8.99 -4.08 22.79
N ILE A 190 -9.15 -2.79 23.10
CA ILE A 190 -8.72 -1.71 22.20
C ILE A 190 -7.70 -0.93 22.99
N ARG A 191 -6.47 -0.85 22.42
CA ARG A 191 -5.35 -0.03 22.96
C ARG A 191 -5.47 1.40 22.41
N LEU A 192 -5.52 2.40 23.28
CA LEU A 192 -5.66 3.82 22.90
C LEU A 192 -4.25 4.44 22.87
N ASP A 193 -3.63 4.51 21.70
CA ASP A 193 -2.24 5.02 21.55
C ASP A 193 -2.27 6.51 21.87
N ALA A 194 -1.28 7.02 22.62
CA ALA A 194 -1.03 8.46 22.87
C ALA A 194 -2.30 9.18 23.32
N PHE A 195 -3.17 8.54 24.10
CA PHE A 195 -4.46 9.11 24.54
C PHE A 195 -4.23 10.39 25.37
N ALA A 196 -3.12 10.48 26.12
CA ALA A 196 -2.77 11.61 27.03
C ALA A 196 -2.61 12.93 26.26
N TYR A 197 -2.35 12.84 24.96
CA TYR A 197 -2.10 13.99 24.06
C TYR A 197 -3.43 14.50 23.48
N ALA A 198 -4.53 13.78 23.66
CA ALA A 198 -5.74 14.04 22.85
C ALA A 198 -6.43 15.32 23.33
N ILE A 199 -6.16 15.83 24.54
CA ILE A 199 -6.92 17.02 25.04
C ILE A 199 -6.04 18.25 24.87
N LYS A 200 -6.46 19.19 24.04
CA LYS A 200 -5.78 20.50 23.90
C LYS A 200 -6.68 21.54 24.57
N LYS A 201 -6.12 22.35 25.47
CA LYS A 201 -6.86 23.36 26.26
C LYS A 201 -5.95 24.53 26.62
N LEU A 202 -6.44 25.75 26.36
CA LEU A 202 -5.75 27.04 26.69
C LEU A 202 -5.31 27.03 28.16
N ASP A 203 -4.10 27.52 28.44
CA ASP A 203 -3.51 27.67 29.80
C ASP A 203 -3.18 26.30 30.40
N THR A 204 -3.08 25.24 29.59
CA THR A 204 -2.62 23.91 30.06
C THR A 204 -1.47 23.44 29.18
N ASN A 205 -0.71 22.46 29.69
CA ASN A 205 0.43 21.81 29.01
C ASN A 205 -0.06 20.86 27.90
N CYS A 206 -1.39 20.68 27.77
CA CYS A 206 -2.08 19.82 26.76
C CYS A 206 -1.60 18.37 26.93
N PHE A 207 -1.31 17.96 28.16
CA PHE A 207 -0.84 16.59 28.47
C PHE A 207 -1.63 16.05 29.65
N PHE A 208 -2.36 14.94 29.47
CA PHE A 208 -3.20 14.37 30.55
C PHE A 208 -3.97 15.50 31.28
N VAL A 209 -4.78 16.24 30.52
CA VAL A 209 -5.59 17.41 31.01
C VAL A 209 -6.85 16.86 31.70
N GLU A 210 -6.93 17.10 33.00
CA GLU A 210 -8.12 16.80 33.84
C GLU A 210 -8.97 18.07 33.95
N PRO A 211 -10.32 17.94 33.96
CA PRO A 211 -11.00 16.64 33.96
C PRO A 211 -11.33 16.00 32.60
N GLU A 212 -11.09 16.71 31.50
CA GLU A 212 -11.53 16.32 30.13
C GLU A 212 -11.04 14.88 29.77
N ILE A 213 -9.83 14.50 30.20
CA ILE A 213 -9.25 13.18 29.80
C ILE A 213 -10.13 12.07 30.37
N TRP A 214 -10.72 12.25 31.55
CA TRP A 214 -11.66 11.26 32.15
C TRP A 214 -12.97 11.21 31.36
N GLU A 215 -13.46 12.36 30.93
CA GLU A 215 -14.67 12.40 30.07
C GLU A 215 -14.37 11.57 28.81
N LEU A 216 -13.22 11.80 28.15
CA LEU A 216 -12.84 11.14 26.88
C LEU A 216 -12.72 9.61 27.08
N LEU A 217 -11.95 9.18 28.09
CA LEU A 217 -11.80 7.76 28.42
C LEU A 217 -13.16 7.13 28.73
N ASP A 218 -14.01 7.78 29.54
CA ASP A 218 -15.32 7.19 29.96
C ASP A 218 -16.24 7.07 28.73
N TRP A 219 -16.17 8.06 27.86
CA TRP A 219 -17.00 8.07 26.64
C TRP A 219 -16.66 6.84 25.76
N CYS A 220 -15.37 6.58 25.53
CA CYS A 220 -14.86 5.40 24.79
C CYS A 220 -15.24 4.10 25.49
N ARG A 221 -14.94 4.01 26.79
CA ARG A 221 -15.28 2.84 27.64
C ARG A 221 -16.78 2.56 27.49
N ASP A 222 -17.60 3.61 27.48
CA ASP A 222 -19.08 3.42 27.38
C ASP A 222 -19.41 2.72 26.07
N ILE A 223 -18.80 3.15 24.96
CA ILE A 223 -19.04 2.55 23.61
C ILE A 223 -18.63 1.06 23.65
N LEU A 224 -17.51 0.69 24.29
CA LEU A 224 -16.96 -0.69 24.18
C LEU A 224 -17.59 -1.64 25.22
N GLU A 225 -17.95 -1.14 26.42
CA GLU A 225 -18.56 -1.93 27.54
C GLU A 225 -19.72 -2.75 27.00
N LYS A 226 -20.55 -2.19 26.13
CA LYS A 226 -21.78 -2.90 25.67
C LYS A 226 -21.38 -4.14 24.86
N HIS A 227 -20.13 -4.22 24.35
CA HIS A 227 -19.62 -5.46 23.68
C HIS A 227 -18.71 -6.28 24.60
N GLU A 228 -18.60 -5.95 25.88
CA GLU A 228 -17.63 -6.57 26.83
C GLU A 228 -16.22 -6.52 26.24
N ILE A 229 -15.84 -5.38 25.67
CA ILE A 229 -14.47 -5.05 25.22
C ILE A 229 -13.83 -4.09 26.21
N VAL A 230 -12.57 -4.37 26.56
CA VAL A 230 -11.70 -3.60 27.48
C VAL A 230 -11.06 -2.46 26.71
N LEU A 231 -11.05 -1.28 27.30
CA LEU A 231 -10.25 -0.13 26.83
C LEU A 231 -8.93 -0.11 27.61
N LEU A 232 -7.79 -0.04 26.90
CA LEU A 232 -6.43 0.01 27.51
C LEU A 232 -5.81 1.35 27.16
N PRO A 233 -5.86 2.33 28.09
CA PRO A 233 -5.19 3.61 27.88
C PRO A 233 -3.68 3.42 27.99
N GLU A 234 -2.96 3.71 26.90
CA GLU A 234 -1.50 3.53 26.84
C GLU A 234 -0.83 4.87 27.16
N ILE A 235 0.02 4.92 28.19
CA ILE A 235 0.90 6.07 28.52
C ILE A 235 2.27 5.59 29.03
N HIS A 236 3.34 6.22 28.56
CA HIS A 236 4.69 6.13 29.17
C HIS A 236 4.87 7.39 30.00
N GLU A 237 4.80 7.23 31.31
CA GLU A 237 4.78 8.35 32.26
C GLU A 237 5.20 7.82 33.62
N HIS A 238 5.44 8.73 34.54
CA HIS A 238 5.61 8.44 35.98
C HIS A 238 4.52 7.47 36.43
N TYR A 239 4.85 6.56 37.35
CA TYR A 239 3.95 5.47 37.82
C TYR A 239 2.70 6.06 38.49
N THR A 240 2.74 7.30 38.99
CA THR A 240 1.58 7.97 39.66
C THR A 240 0.47 8.23 38.64
N ILE A 241 0.80 8.42 37.37
CA ILE A 241 -0.24 8.56 36.30
C ILE A 241 -0.87 7.17 36.02
N GLN A 242 -0.08 6.09 36.02
CA GLN A 242 -0.64 4.72 35.94
C GLN A 242 -1.63 4.51 37.11
N GLU A 243 -1.24 4.91 38.33
CA GLU A 243 -2.10 4.72 39.51
C GLU A 243 -3.41 5.49 39.33
N LYS A 244 -3.36 6.70 38.75
CA LYS A 244 -4.55 7.57 38.61
C LYS A 244 -5.55 6.95 37.62
N ILE A 245 -5.07 6.39 36.50
CA ILE A 245 -5.90 5.66 35.48
C ILE A 245 -6.52 4.41 36.13
N ALA A 246 -5.71 3.65 36.88
CA ALA A 246 -6.15 2.40 37.53
C ALA A 246 -7.26 2.72 38.55
N ASP A 247 -7.12 3.84 39.27
CA ASP A 247 -8.11 4.38 40.26
C ASP A 247 -9.47 4.59 39.59
N LYS A 248 -9.49 5.05 38.34
CA LYS A 248 -10.74 5.26 37.57
C LYS A 248 -11.20 3.94 36.94
N GLY A 249 -10.60 2.81 37.35
CA GLY A 249 -11.11 1.46 37.03
C GLY A 249 -10.56 0.85 35.74
N TYR A 250 -9.71 1.55 34.99
CA TYR A 250 -9.13 1.04 33.73
C TYR A 250 -7.92 0.18 33.99
N PRO A 251 -7.62 -0.79 33.10
CA PRO A 251 -6.35 -1.51 33.14
C PRO A 251 -5.26 -0.54 32.67
N VAL A 252 -4.04 -0.82 33.08
CA VAL A 252 -2.87 -0.02 32.66
C VAL A 252 -1.74 -0.95 32.25
N TYR A 253 -0.76 -0.36 31.59
CA TYR A 253 0.55 -1.00 31.29
C TYR A 253 1.45 -0.88 32.50
N ASP A 254 2.23 -1.92 32.73
CA ASP A 254 3.42 -1.91 33.62
C ASP A 254 4.66 -1.84 32.72
N PHE A 255 5.15 -0.62 32.48
CA PHE A 255 6.37 -0.28 31.74
C PHE A 255 7.51 -0.05 32.73
N ALA A 256 7.28 -0.23 34.03
CA ALA A 256 8.31 -0.10 35.10
C ALA A 256 9.04 -1.43 35.28
N LEU A 257 8.30 -2.51 35.25
CA LEU A 257 8.83 -3.90 35.41
C LEU A 257 10.09 -4.13 34.59
N PRO A 258 10.19 -3.76 33.29
CA PRO A 258 11.39 -4.07 32.50
C PRO A 258 12.71 -3.60 33.13
N MET A 259 12.82 -2.32 33.50
CA MET A 259 14.01 -1.75 34.19
C MET A 259 14.14 -2.29 35.63
N LEU A 260 13.05 -2.48 36.37
CA LEU A 260 13.11 -3.04 37.74
C LEU A 260 13.68 -4.47 37.72
N VAL A 261 13.37 -5.27 36.69
CA VAL A 261 13.85 -6.67 36.55
C VAL A 261 15.31 -6.63 36.08
N LEU A 262 15.67 -5.75 35.13
CA LEU A 262 17.08 -5.61 34.71
C LEU A 262 17.93 -5.24 35.93
N HIS A 263 17.49 -4.25 36.69
CA HIS A 263 18.25 -3.76 37.86
C HIS A 263 18.42 -4.87 38.89
N ALA A 264 17.35 -5.61 39.16
CA ALA A 264 17.34 -6.70 40.17
C ALA A 264 18.37 -7.75 39.77
N LEU A 265 18.42 -8.09 38.49
CA LEU A 265 19.27 -9.21 38.00
C LEU A 265 20.72 -8.71 37.94
N TYR A 266 20.98 -7.44 37.60
CA TYR A 266 22.37 -6.93 37.48
C TYR A 266 22.94 -6.72 38.87
N SER A 267 22.14 -6.22 39.81
CA SER A 267 22.55 -5.85 41.18
C SER A 267 22.41 -7.03 42.13
N GLY A 268 21.59 -8.03 41.80
CA GLY A 268 21.32 -9.16 42.70
C GLY A 268 20.46 -8.75 43.88
N ARG A 269 19.68 -7.67 43.75
CA ARG A 269 18.87 -7.09 44.85
C ARG A 269 17.37 -7.30 44.58
N SER A 270 16.59 -7.54 45.63
CA SER A 270 15.14 -7.85 45.55
C SER A 270 14.29 -6.68 46.03
N GLU A 271 14.86 -5.72 46.76
CA GLU A 271 14.15 -4.63 47.50
C GLU A 271 13.24 -3.77 46.58
N ARG A 272 13.77 -3.23 45.48
CA ARG A 272 12.99 -2.28 44.63
C ARG A 272 11.88 -3.01 43.89
N LEU A 273 12.20 -4.19 43.40
CA LEU A 273 11.25 -5.01 42.63
C LEU A 273 10.13 -5.47 43.55
N ALA A 274 10.43 -5.90 44.78
CA ALA A 274 9.43 -6.33 45.78
C ALA A 274 8.52 -5.16 46.15
N HIS A 275 9.08 -3.96 46.32
CA HIS A 275 8.29 -2.75 46.62
C HIS A 275 7.24 -2.56 45.52
N TRP A 276 7.66 -2.56 44.24
CA TRP A 276 6.74 -2.34 43.10
C TRP A 276 5.68 -3.46 43.02
N LEU A 277 6.08 -4.73 43.14
CA LEU A 277 5.17 -5.89 43.03
C LEU A 277 4.08 -5.84 44.10
N LYS A 278 4.37 -5.24 45.25
CA LYS A 278 3.39 -5.04 46.36
C LYS A 278 2.47 -3.86 46.08
N ALA A 279 3.00 -2.78 45.52
CA ALA A 279 2.33 -1.45 45.45
C ALA A 279 1.70 -1.22 44.06
N CYS A 280 1.96 -2.08 43.07
CA CYS A 280 1.57 -1.80 41.65
C CYS A 280 0.09 -2.09 41.52
N PRO A 281 -0.63 -1.49 40.53
CA PRO A 281 -2.03 -1.81 40.31
C PRO A 281 -2.14 -3.31 40.01
N ARG A 282 -3.27 -3.91 40.43
CA ARG A 282 -3.57 -5.35 40.29
C ARG A 282 -4.12 -5.63 38.88
N LYS A 283 -4.69 -4.63 38.22
CA LYS A 283 -5.28 -4.77 36.86
C LYS A 283 -4.33 -4.11 35.85
N GLN A 284 -3.36 -4.88 35.36
CA GLN A 284 -2.36 -4.34 34.43
C GLN A 284 -1.93 -5.38 33.41
N PHE A 285 -1.26 -4.87 32.40
CA PHE A 285 -0.60 -5.66 31.32
C PHE A 285 0.88 -5.45 31.52
N THR A 286 1.59 -6.47 31.95
CA THR A 286 3.02 -6.38 32.29
C THR A 286 3.86 -6.67 31.05
N THR A 287 5.06 -6.11 31.00
CA THR A 287 5.98 -6.16 29.85
C THR A 287 7.40 -6.29 30.37
N LEU A 288 8.24 -6.98 29.61
CA LEU A 288 9.71 -6.84 29.69
C LEU A 288 10.12 -6.10 28.42
N ASP A 289 9.77 -6.65 27.28
CA ASP A 289 10.00 -6.04 25.94
C ASP A 289 8.65 -5.65 25.33
N THR A 290 8.68 -4.60 24.50
CA THR A 290 7.63 -4.21 23.52
C THR A 290 8.32 -4.05 22.18
N HIS A 291 7.56 -3.59 21.17
CA HIS A 291 8.08 -3.16 19.85
C HIS A 291 9.00 -1.96 20.00
N ASP A 292 8.91 -1.22 21.11
CA ASP A 292 9.73 -0.01 21.32
C ASP A 292 11.00 -0.39 22.07
N GLY A 293 11.86 0.58 22.40
CA GLY A 293 13.07 0.38 23.20
C GLY A 293 12.69 0.20 24.67
N ILE A 294 13.64 -0.20 25.51
CA ILE A 294 13.42 -0.30 26.98
C ILE A 294 13.30 1.12 27.52
N GLY A 295 12.18 1.41 28.21
CA GLY A 295 11.85 2.74 28.75
C GLY A 295 12.52 2.95 30.10
N VAL A 296 13.26 4.06 30.26
CA VAL A 296 13.92 4.41 31.56
C VAL A 296 13.07 5.44 32.32
N VAL A 297 12.39 6.38 31.66
CA VAL A 297 11.56 7.42 32.37
C VAL A 297 10.46 6.73 33.20
N ASP A 298 10.01 5.53 32.79
CA ASP A 298 8.87 4.78 33.40
C ASP A 298 9.20 4.30 34.83
N VAL A 299 10.48 4.13 35.14
CA VAL A 299 10.94 3.55 36.44
C VAL A 299 11.40 4.68 37.37
N LYS A 300 11.19 5.95 36.99
CA LYS A 300 11.60 7.14 37.78
C LYS A 300 10.95 7.07 39.16
N ASP A 301 11.77 7.24 40.21
CA ASP A 301 11.38 7.16 41.64
C ASP A 301 11.24 5.71 42.11
N LEU A 302 11.12 4.71 41.24
CA LEU A 302 11.05 3.28 41.68
C LEU A 302 12.47 2.68 41.76
N LEU A 303 13.43 3.29 41.06
CA LEU A 303 14.88 3.18 41.33
C LEU A 303 15.41 4.59 41.64
N THR A 304 16.44 4.70 42.47
CA THR A 304 17.22 5.96 42.66
C THR A 304 17.96 6.30 41.35
N GLU A 305 18.41 7.53 41.19
CA GLU A 305 19.22 7.95 40.03
C GLU A 305 20.42 7.02 39.82
N GLU A 306 21.10 6.62 40.90
CA GLU A 306 22.36 5.83 40.81
C GLU A 306 22.05 4.40 40.32
N GLU A 307 20.95 3.82 40.80
CA GLU A 307 20.43 2.49 40.38
C GLU A 307 20.08 2.51 38.88
N VAL A 308 19.45 3.58 38.41
CA VAL A 308 19.15 3.76 36.96
C VAL A 308 20.50 3.82 36.20
N GLU A 309 21.43 4.68 36.64
CA GLU A 309 22.74 4.80 35.96
C GLU A 309 23.44 3.43 35.92
N PHE A 310 23.41 2.69 37.02
CA PHE A 310 24.11 1.39 37.13
C PHE A 310 23.49 0.39 36.13
N THR A 311 22.17 0.45 35.97
CA THR A 311 21.37 -0.47 35.12
C THR A 311 21.65 -0.17 33.65
N VAL A 312 21.61 1.10 33.26
CA VAL A 312 21.93 1.53 31.86
C VAL A 312 23.37 1.17 31.51
N ASN A 313 24.33 1.35 32.43
CA ASN A 313 25.75 1.01 32.15
C ASN A 313 25.90 -0.52 32.13
N SER A 314 25.16 -1.26 32.96
CA SER A 314 25.24 -2.73 33.00
C SER A 314 24.80 -3.29 31.65
N LEU A 315 23.74 -2.71 31.10
CA LEU A 315 23.17 -3.12 29.79
C LEU A 315 24.24 -2.98 28.71
N TYR A 316 24.89 -1.82 28.63
CA TYR A 316 25.94 -1.56 27.60
C TYR A 316 27.19 -2.38 27.92
N GLU A 317 27.51 -2.61 29.20
CA GLU A 317 28.79 -3.26 29.55
C GLU A 317 28.62 -4.79 29.46
N LYS A 318 27.46 -5.36 29.83
CA LYS A 318 27.22 -6.83 29.86
C LYS A 318 26.34 -7.30 28.68
N GLY A 319 25.58 -6.38 28.04
CA GLY A 319 24.67 -6.70 26.93
C GLY A 319 25.40 -7.36 25.78
N ALA A 320 24.74 -8.29 25.08
CA ALA A 320 25.29 -9.01 23.91
C ALA A 320 25.13 -8.15 22.65
N ASN A 321 26.25 -7.66 22.08
CA ASN A 321 26.32 -6.96 20.77
C ASN A 321 25.43 -5.73 20.82
N VAL A 322 25.68 -4.84 21.77
CA VAL A 322 24.91 -3.58 21.94
C VAL A 322 25.93 -2.45 22.04
N LYS A 323 25.64 -1.32 21.42
CA LYS A 323 26.55 -0.15 21.35
C LYS A 323 25.75 1.08 21.74
N ARG A 324 26.41 2.05 22.38
CA ARG A 324 25.80 3.35 22.80
C ARG A 324 25.23 4.04 21.55
N VAL A 325 25.89 3.91 20.41
CA VAL A 325 25.52 4.59 19.13
C VAL A 325 24.12 4.13 18.65
N TYR A 326 23.70 2.90 18.95
CA TYR A 326 22.39 2.33 18.51
C TYR A 326 21.19 3.06 19.13
N SER A 327 21.36 3.72 20.27
CA SER A 327 20.30 4.52 20.95
C SER A 327 20.58 6.03 20.83
N SER A 328 21.51 6.42 19.95
CA SER A 328 21.86 7.84 19.66
C SER A 328 21.07 8.28 18.41
N GLU A 329 21.25 9.53 18.01
CA GLU A 329 20.58 10.14 16.82
C GLU A 329 21.13 9.49 15.53
N GLU A 330 22.31 8.89 15.56
CA GLU A 330 22.93 8.21 14.38
C GLU A 330 21.98 7.11 13.89
N TYR A 331 21.19 6.49 14.78
CA TYR A 331 20.24 5.39 14.43
C TYR A 331 18.78 5.84 14.64
N ASN A 332 18.56 7.16 14.64
CA ASN A 332 17.22 7.81 14.52
C ASN A 332 16.40 7.60 15.80
N ASN A 333 17.02 7.69 16.97
CA ASN A 333 16.34 7.59 18.29
C ASN A 333 15.87 9.00 18.72
N TYR A 337 16.16 8.52 26.12
CA TYR A 337 15.71 7.80 27.34
C TYR A 337 15.23 6.36 27.04
N GLN A 338 14.91 5.99 25.80
CA GLN A 338 14.62 4.57 25.48
C GLN A 338 15.90 3.89 24.97
N ILE A 339 16.07 2.62 25.31
CA ILE A 339 17.25 1.84 24.88
C ILE A 339 16.85 0.76 23.88
N ASN A 340 17.51 0.79 22.73
CA ASN A 340 17.30 -0.18 21.63
C ASN A 340 18.15 -1.39 21.93
N CYS A 341 17.50 -2.46 22.39
CA CYS A 341 18.13 -3.74 22.80
C CYS A 341 17.02 -4.75 23.02
N THR A 342 17.19 -5.98 22.50
CA THR A 342 16.32 -7.11 22.88
C THR A 342 16.54 -7.32 24.38
N TYR A 343 15.48 -7.71 25.11
CA TYR A 343 15.55 -8.04 26.55
C TYR A 343 16.55 -9.18 26.79
N TYR A 344 16.59 -10.18 25.92
CA TYR A 344 17.49 -11.33 26.05
C TYR A 344 18.94 -10.85 25.89
N SER A 345 19.22 -9.97 24.91
CA SER A 345 20.59 -9.43 24.73
C SER A 345 20.94 -8.45 25.85
N ALA A 346 19.96 -7.77 26.44
CA ALA A 346 20.17 -6.88 27.63
C ALA A 346 20.71 -7.68 28.82
N LEU A 347 20.38 -8.97 28.93
CA LEU A 347 20.86 -9.88 30.02
C LEU A 347 22.04 -10.70 29.50
N GLY A 348 22.75 -10.20 28.48
CA GLY A 348 23.92 -10.85 27.88
C GLY A 348 23.61 -12.20 27.23
N ASN A 349 22.40 -12.40 26.69
CA ASN A 349 22.00 -13.67 26.08
C ASN A 349 22.19 -14.76 27.14
N ASP A 350 21.99 -14.44 28.40
CA ASP A 350 22.12 -15.42 29.51
C ASP A 350 20.75 -16.08 29.70
N ASP A 351 20.64 -17.38 29.38
CA ASP A 351 19.40 -18.19 29.38
C ASP A 351 18.80 -18.25 30.79
N GLN A 352 19.65 -18.44 31.79
CA GLN A 352 19.30 -18.55 33.22
C GLN A 352 18.65 -17.25 33.70
N ALA A 353 19.34 -16.13 33.57
CA ALA A 353 18.85 -14.79 33.97
C ALA A 353 17.59 -14.47 33.16
N TYR A 354 17.52 -14.83 31.87
CA TYR A 354 16.35 -14.49 31.03
C TYR A 354 15.11 -15.25 31.51
N LEU A 355 15.24 -16.55 31.77
CA LEU A 355 14.11 -17.37 32.26
C LEU A 355 13.62 -16.84 33.60
N LEU A 356 14.55 -16.44 34.47
CA LEU A 356 14.25 -15.82 35.78
C LEU A 356 13.46 -14.54 35.52
N ALA A 357 13.86 -13.70 34.58
CA ALA A 357 13.13 -12.44 34.27
C ALA A 357 11.67 -12.80 33.89
N ARG A 358 11.49 -13.82 33.05
CA ARG A 358 10.17 -14.21 32.53
C ARG A 358 9.34 -14.86 33.66
N ALA A 359 9.96 -15.62 34.57
CA ALA A 359 9.31 -16.24 35.75
C ALA A 359 8.78 -15.11 36.65
N ILE A 360 9.58 -14.08 36.88
CA ILE A 360 9.16 -12.87 37.65
C ILE A 360 7.94 -12.26 36.95
N GLN A 361 8.05 -12.09 35.63
CA GLN A 361 6.94 -11.47 34.87
C GLN A 361 5.68 -12.32 35.01
N MET A 362 5.78 -13.64 34.88
CA MET A 362 4.60 -14.56 34.98
C MET A 362 3.94 -14.44 36.36
N PHE A 363 4.72 -14.25 37.41
CA PHE A 363 4.22 -14.13 38.80
C PHE A 363 3.84 -12.68 39.17
N ALA A 364 4.03 -11.66 38.31
CA ALA A 364 3.79 -10.24 38.64
C ALA A 364 2.31 -9.95 38.50
N PRO A 365 1.69 -9.06 39.33
CA PRO A 365 0.27 -8.76 39.15
C PRO A 365 0.02 -8.34 37.68
N GLY A 366 -1.04 -8.85 37.05
CA GLY A 366 -1.47 -8.47 35.70
C GLY A 366 -1.41 -9.63 34.70
N ILE A 367 -1.78 -9.35 33.47
CA ILE A 367 -1.67 -10.28 32.32
C ILE A 367 -0.30 -10.06 31.69
N PRO A 368 0.53 -11.10 31.58
CA PRO A 368 1.86 -10.94 31.01
C PRO A 368 1.72 -10.75 29.51
N GLN A 369 2.41 -9.75 28.95
CA GLN A 369 2.56 -9.56 27.49
C GLN A 369 3.97 -10.00 27.13
N VAL A 370 4.06 -10.80 26.08
CA VAL A 370 5.34 -11.42 25.64
C VAL A 370 5.53 -11.00 24.19
N TYR A 371 6.46 -10.07 23.97
CA TYR A 371 6.84 -9.58 22.63
C TYR A 371 7.45 -10.76 21.87
N TYR A 372 7.18 -10.83 20.57
CA TYR A 372 7.46 -12.03 19.74
C TYR A 372 8.97 -12.32 19.77
N VAL A 373 9.83 -11.29 19.84
CA VAL A 373 11.31 -11.45 19.81
C VAL A 373 11.71 -12.15 21.12
N GLY A 374 11.17 -11.70 22.26
CA GLY A 374 11.38 -12.35 23.58
C GLY A 374 10.80 -13.76 23.62
N LEU A 375 9.66 -14.03 22.97
CA LEU A 375 9.08 -15.40 22.91
C LEU A 375 10.13 -16.40 22.42
N PHE A 376 10.98 -15.98 21.47
CA PHE A 376 11.96 -16.82 20.77
C PHE A 376 13.35 -16.48 21.26
N ALA A 377 13.44 -15.96 22.48
CA ALA A 377 14.69 -15.54 23.14
C ALA A 377 15.61 -14.95 22.06
N GLY A 378 15.12 -13.91 21.37
CA GLY A 378 15.78 -13.26 20.25
C GLY A 378 16.91 -12.37 20.71
N GLU A 379 18.07 -12.49 20.05
CA GLU A 379 19.24 -11.64 20.33
C GLU A 379 19.20 -10.44 19.37
N ASN A 380 20.02 -9.43 19.65
CA ASN A 380 20.06 -8.16 18.89
C ASN A 380 20.26 -8.46 17.40
N ASP A 381 19.39 -7.92 16.54
CA ASP A 381 19.46 -8.10 15.06
C ASP A 381 20.34 -6.99 14.48
N ILE A 382 21.66 -7.19 14.50
CA ILE A 382 22.67 -6.18 14.03
C ILE A 382 22.56 -6.02 12.51
N GLU A 383 22.28 -7.12 11.80
CA GLU A 383 22.14 -7.22 10.33
C GLU A 383 21.04 -6.25 9.89
N LEU A 384 19.82 -6.37 10.44
CA LEU A 384 18.66 -5.53 10.06
C LEU A 384 18.95 -4.07 10.46
N LEU A 385 19.47 -3.87 11.66
CA LEU A 385 19.84 -2.53 12.18
C LEU A 385 20.76 -1.79 11.20
N GLU A 386 21.75 -2.47 10.64
CA GLU A 386 22.74 -1.88 9.71
C GLU A 386 22.05 -1.64 8.36
N GLN A 387 21.28 -2.61 7.88
CA GLN A 387 20.44 -2.50 6.65
C GLN A 387 19.52 -1.26 6.74
N THR A 388 18.80 -1.03 7.84
CA THR A 388 17.76 0.04 7.88
C THR A 388 18.28 1.34 8.51
N LYS A 389 19.32 1.28 9.35
CA LYS A 389 19.79 2.41 10.20
C LYS A 389 18.68 2.86 11.17
N GLU A 390 17.68 2.02 11.44
CA GLU A 390 16.67 2.29 12.50
C GLU A 390 17.13 1.55 13.77
N GLY A 391 17.51 2.30 14.80
CA GLY A 391 17.91 1.71 16.09
C GLY A 391 16.87 0.72 16.58
N ARG A 392 15.59 1.10 16.49
CA ARG A 392 14.47 0.25 16.95
C ARG A 392 14.52 -1.12 16.27
N ASP A 393 15.15 -1.26 15.10
CA ASP A 393 15.10 -2.52 14.30
C ASP A 393 15.97 -3.61 14.94
N ILE A 394 16.86 -3.26 15.87
CA ILE A 394 17.70 -4.25 16.61
C ILE A 394 16.77 -5.29 17.22
N ASN A 395 15.51 -4.89 17.52
CA ASN A 395 14.51 -5.63 18.33
C ASN A 395 13.23 -5.81 17.52
N ARG A 396 13.35 -5.83 16.18
CA ARG A 396 12.22 -6.09 15.26
C ARG A 396 12.63 -7.05 14.15
N HIS A 397 13.39 -8.09 14.45
CA HIS A 397 13.70 -9.21 13.53
C HIS A 397 12.42 -9.70 12.83
N TYR A 398 12.51 -9.96 11.53
CA TYR A 398 11.47 -10.63 10.71
C TYR A 398 11.77 -12.13 10.69
N TYR A 399 10.99 -12.93 11.42
CA TYR A 399 11.15 -14.40 11.45
C TYR A 399 10.48 -15.02 10.22
N SER A 400 11.20 -15.94 9.57
CA SER A 400 10.64 -16.96 8.65
C SER A 400 10.01 -18.12 9.45
N LEU A 401 9.10 -18.86 8.84
CA LEU A 401 8.46 -20.08 9.44
C LEU A 401 9.51 -21.16 9.70
N GLU A 402 10.53 -21.22 8.83
CA GLU A 402 11.67 -22.17 8.97
C GLU A 402 12.52 -21.77 10.18
N GLU A 403 12.80 -20.47 10.33
CA GLU A 403 13.57 -19.87 11.45
C GLU A 403 12.83 -20.23 12.75
N ILE A 404 11.51 -20.10 12.76
CA ILE A 404 10.67 -20.36 13.97
C ILE A 404 10.78 -21.83 14.35
N GLU A 405 10.62 -22.75 13.39
CA GLU A 405 10.79 -24.21 13.64
C GLU A 405 12.13 -24.45 14.36
N LYS A 406 13.23 -23.81 13.94
CA LYS A 406 14.56 -24.00 14.55
C LYS A 406 14.57 -23.38 15.96
N GLU A 407 13.95 -22.21 16.18
CA GLU A 407 13.95 -21.53 17.52
C GLU A 407 13.28 -22.43 18.57
N LEU A 408 12.31 -23.22 18.16
CA LEU A 408 11.55 -24.15 19.06
C LEU A 408 12.46 -25.26 19.60
N GLU A 409 13.60 -25.52 18.96
CA GLU A 409 14.55 -26.57 19.40
C GLU A 409 15.52 -26.05 20.45
N ARG A 410 15.59 -24.75 20.73
CA ARG A 410 16.47 -24.23 21.80
C ARG A 410 15.86 -24.57 23.17
N PRO A 411 16.64 -25.20 24.07
CA PRO A 411 16.18 -25.45 25.43
C PRO A 411 15.60 -24.21 26.13
N VAL A 412 16.20 -23.02 26.00
CA VAL A 412 15.67 -21.76 26.62
C VAL A 412 14.26 -21.48 26.08
N VAL A 413 13.99 -21.73 24.80
CA VAL A 413 12.66 -21.40 24.23
C VAL A 413 11.66 -22.44 24.75
N GLN A 414 12.04 -23.73 24.77
CA GLN A 414 11.16 -24.83 25.28
C GLN A 414 10.87 -24.57 26.77
N GLU A 415 11.86 -24.10 27.52
CA GLU A 415 11.70 -23.82 28.96
C GLU A 415 10.75 -22.62 29.11
N LEU A 416 10.87 -21.60 28.27
CA LEU A 416 9.99 -20.42 28.35
C LEU A 416 8.53 -20.84 28.01
N PHE A 417 8.33 -21.71 27.03
CA PHE A 417 6.98 -22.24 26.66
C PHE A 417 6.38 -22.99 27.86
N ASP A 418 7.18 -23.80 28.59
CA ASP A 418 6.68 -24.56 29.77
C ASP A 418 6.19 -23.60 30.86
N LEU A 419 6.96 -22.54 31.10
CA LEU A 419 6.66 -21.45 32.05
C LEU A 419 5.34 -20.79 31.68
N MET A 420 5.17 -20.48 30.38
CA MET A 420 3.99 -19.78 29.85
C MET A 420 2.78 -20.71 29.96
N LYS A 421 2.89 -21.98 29.57
CA LYS A 421 1.79 -22.96 29.71
C LYS A 421 1.30 -23.05 31.17
N PHE A 422 2.24 -23.19 32.10
CA PHE A 422 2.03 -23.19 33.56
C PHE A 422 1.25 -21.93 33.99
N ARG A 423 1.69 -20.75 33.58
CA ARG A 423 1.02 -19.46 33.94
C ARG A 423 -0.39 -19.46 33.33
N ASN A 424 -0.59 -20.04 32.15
CA ASN A 424 -1.91 -20.02 31.46
C ASN A 424 -2.87 -21.00 32.14
N GLN A 425 -2.36 -22.11 32.68
CA GLN A 425 -3.22 -23.26 33.05
C GLN A 425 -3.54 -23.26 34.55
N SER A 426 -2.66 -22.74 35.41
CA SER A 426 -2.68 -22.95 36.87
C SER A 426 -3.66 -21.97 37.50
N LYS A 427 -4.68 -22.53 38.16
CA LYS A 427 -5.83 -21.81 38.76
C LYS A 427 -5.32 -20.74 39.74
N ALA A 428 -4.17 -20.97 40.37
CA ALA A 428 -3.64 -20.10 41.45
C ALA A 428 -3.54 -18.64 41.00
N PHE A 429 -3.17 -18.42 39.75
CA PHE A 429 -2.95 -17.05 39.22
C PHE A 429 -4.27 -16.26 39.20
N ASP A 430 -5.43 -16.92 39.29
CA ASP A 430 -6.76 -16.25 39.30
C ASP A 430 -7.15 -15.88 40.75
N GLY A 431 -6.24 -16.01 41.72
CA GLY A 431 -6.47 -15.75 43.15
C GLY A 431 -5.85 -14.43 43.57
N THR A 432 -5.17 -14.43 44.71
CA THR A 432 -4.55 -13.22 45.31
C THR A 432 -3.07 -13.52 45.49
N VAL A 433 -2.26 -12.45 45.47
CA VAL A 433 -0.78 -12.53 45.42
C VAL A 433 -0.19 -12.00 46.73
N ASP A 434 0.87 -12.65 47.18
CA ASP A 434 1.63 -12.28 48.40
C ASP A 434 3.12 -12.22 48.00
N VAL A 435 3.77 -11.09 48.30
CA VAL A 435 5.18 -10.84 47.96
C VAL A 435 5.98 -10.77 49.26
N GLN A 436 7.07 -11.54 49.36
CA GLN A 436 8.01 -11.44 50.52
C GLN A 436 9.46 -11.37 50.01
N THR A 437 10.30 -10.71 50.78
CA THR A 437 11.78 -10.72 50.63
C THR A 437 12.39 -11.23 51.92
N THR A 438 13.45 -11.99 51.80
CA THR A 438 14.35 -12.41 52.90
C THR A 438 15.74 -11.83 52.58
N PHE A 439 16.37 -11.23 53.57
CA PHE A 439 17.74 -10.68 53.42
C PHE A 439 17.65 -9.66 52.27
N ASP A 440 18.62 -9.56 51.35
CA ASP A 440 18.64 -8.48 50.32
C ASP A 440 18.50 -9.04 48.91
N HIS A 441 18.59 -10.36 48.74
CA HIS A 441 18.72 -11.01 47.41
C HIS A 441 17.55 -11.95 47.05
N LEU A 442 16.66 -12.30 47.99
CA LEU A 442 15.63 -13.37 47.80
C LEU A 442 14.25 -12.73 47.65
N LEU A 443 13.41 -13.34 46.83
CA LEU A 443 12.04 -12.87 46.47
C LEU A 443 11.13 -14.08 46.43
N LYS A 444 10.04 -14.03 47.18
CA LYS A 444 9.02 -15.11 47.18
C LYS A 444 7.71 -14.48 46.71
N ILE A 445 7.09 -15.05 45.67
CA ILE A 445 5.76 -14.62 45.16
C ILE A 445 4.83 -15.83 45.23
N THR A 446 3.75 -15.70 46.00
CA THR A 446 2.75 -16.77 46.23
C THR A 446 1.41 -16.31 45.67
N TRP A 447 0.90 -17.05 44.69
CA TRP A 447 -0.52 -16.93 44.28
C TRP A 447 -1.36 -18.00 45.00
N THR A 448 -2.46 -17.58 45.60
CA THR A 448 -3.37 -18.48 46.32
C THR A 448 -4.77 -18.37 45.72
N ASN A 449 -5.33 -19.49 45.31
CA ASN A 449 -6.75 -19.54 44.85
C ASN A 449 -7.36 -20.80 45.46
N GLY A 450 -8.06 -20.63 46.58
CA GLY A 450 -8.78 -21.74 47.23
C GLY A 450 -7.79 -22.78 47.69
N ASP A 451 -7.87 -24.00 47.18
CA ASP A 451 -7.05 -25.15 47.65
C ASP A 451 -5.72 -25.18 46.89
N SER A 452 -5.47 -24.26 45.97
CA SER A 452 -4.27 -24.24 45.09
C SER A 452 -3.37 -23.03 45.40
N LYS A 453 -2.06 -23.23 45.29
CA LYS A 453 -1.02 -22.24 45.59
C LYS A 453 0.12 -22.44 44.59
N ALA A 454 0.55 -21.38 43.95
CA ALA A 454 1.74 -21.35 43.07
C ALA A 454 2.79 -20.40 43.66
N VAL A 455 4.05 -20.80 43.60
CA VAL A 455 5.12 -20.11 44.34
C VAL A 455 6.36 -19.99 43.45
N LEU A 456 6.93 -18.80 43.44
CA LEU A 456 8.26 -18.51 42.87
C LEU A 456 9.18 -18.11 44.01
N GLU A 457 10.30 -18.81 44.15
CA GLU A 457 11.37 -18.50 45.12
C GLU A 457 12.60 -18.20 44.26
N ALA A 458 13.00 -16.95 44.22
CA ALA A 458 14.05 -16.48 43.31
C ALA A 458 15.19 -15.90 44.13
N ASN A 459 16.40 -16.33 43.82
CA ASN A 459 17.63 -15.70 44.37
C ASN A 459 18.17 -14.85 43.22
N LEU A 460 18.10 -13.53 43.38
CA LEU A 460 18.46 -12.55 42.33
C LEU A 460 19.99 -12.45 42.22
N ALA A 461 20.71 -12.86 43.27
CA ALA A 461 22.18 -12.76 43.33
C ALA A 461 22.79 -13.94 42.57
N ASP A 462 22.29 -15.16 42.71
CA ASP A 462 22.86 -16.33 42.00
C ASP A 462 21.94 -16.72 40.84
N LYS A 463 20.84 -16.01 40.64
CA LYS A 463 19.92 -16.14 39.49
C LYS A 463 19.23 -17.51 39.48
N THR A 464 19.26 -18.26 40.60
CA THR A 464 18.58 -19.57 40.67
C THR A 464 17.15 -19.32 41.20
N PHE A 465 16.26 -20.23 40.84
CA PHE A 465 14.85 -20.10 41.24
C PHE A 465 14.17 -21.47 41.18
N LYS A 466 13.07 -21.51 41.89
CA LYS A 466 12.21 -22.68 42.09
C LYS A 466 10.79 -22.26 41.82
N ILE A 467 10.06 -23.08 41.09
CA ILE A 467 8.60 -22.94 40.90
C ILE A 467 7.94 -24.14 41.53
N TYR A 468 6.88 -23.89 42.28
CA TYR A 468 6.14 -24.88 43.11
C TYR A 468 4.65 -24.63 42.87
N LEU A 469 3.94 -25.73 42.65
CA LEU A 469 2.46 -25.73 42.57
C LEU A 469 1.97 -26.85 43.46
N GLU A 470 0.95 -26.57 44.27
CA GLU A 470 0.30 -27.63 45.06
C GLU A 470 -1.21 -27.51 44.95
N HIS A 471 -1.87 -28.66 45.02
CA HIS A 471 -3.33 -28.77 45.20
C HIS A 471 -3.53 -29.53 46.50
N HIS A 472 -4.10 -28.86 47.51
CA HIS A 472 -4.48 -29.52 48.79
C HIS A 472 -5.97 -29.90 48.77
N HIS A 473 -6.31 -31.18 48.86
CA HIS A 473 -7.72 -31.64 48.94
C HIS A 473 -8.02 -32.20 50.33
N HIS A 474 -8.68 -31.42 51.19
CA HIS A 474 -9.10 -31.81 52.56
C HIS A 474 -10.59 -31.44 52.78
N MET B 1 -18.78 -11.09 -23.07
CA MET B 1 -18.63 -12.10 -22.02
C MET B 1 -18.09 -11.41 -20.76
N LYS B 2 -18.27 -12.01 -19.60
CA LYS B 2 -17.87 -11.39 -18.32
C LYS B 2 -16.34 -11.32 -18.31
N ILE B 3 -15.77 -10.24 -17.77
CA ILE B 3 -14.29 -10.16 -17.52
C ILE B 3 -13.88 -11.41 -16.75
N LYS B 4 -12.74 -12.02 -17.11
CA LYS B 4 -12.11 -13.13 -16.37
C LYS B 4 -10.65 -12.78 -16.13
N ASN B 5 -10.04 -13.46 -15.18
CA ASN B 5 -8.61 -13.25 -14.86
C ASN B 5 -7.75 -14.06 -15.84
N GLU B 6 -7.85 -13.73 -17.14
CA GLU B 6 -7.21 -14.44 -18.26
C GLU B 6 -6.59 -13.42 -19.19
N VAL B 7 -5.59 -13.87 -19.94
CA VAL B 7 -4.77 -12.97 -20.77
C VAL B 7 -5.68 -12.27 -21.79
N MET B 8 -5.46 -10.98 -22.00
CA MET B 8 -6.19 -10.15 -22.99
C MET B 8 -5.28 -9.89 -24.19
N LEU B 9 -5.76 -10.13 -25.40
CA LEU B 9 -5.06 -9.77 -26.66
C LEU B 9 -5.32 -8.27 -26.91
N ILE B 10 -4.31 -7.53 -27.37
CA ILE B 10 -4.45 -6.18 -28.01
C ILE B 10 -4.29 -6.37 -29.52
N THR B 11 -5.25 -5.94 -30.34
CA THR B 11 -5.11 -6.05 -31.80
C THR B 11 -5.81 -4.89 -32.51
N TYR B 12 -5.35 -4.60 -33.72
CA TYR B 12 -6.09 -3.78 -34.71
C TYR B 12 -7.21 -4.65 -35.28
N PRO B 13 -8.29 -4.01 -35.78
CA PRO B 13 -9.36 -4.72 -36.47
C PRO B 13 -8.91 -5.45 -37.74
N ASP B 14 -7.80 -4.99 -38.35
CA ASP B 14 -7.31 -5.51 -39.65
C ASP B 14 -5.85 -5.98 -39.57
N SER B 15 -5.31 -6.32 -38.40
CA SER B 15 -3.90 -6.75 -38.27
C SER B 15 -3.77 -8.27 -38.18
N LEU B 16 -4.86 -9.02 -37.92
CA LEU B 16 -4.86 -10.51 -37.86
C LEU B 16 -5.81 -11.04 -38.92
N GLY B 17 -5.30 -11.33 -40.10
CA GLY B 17 -6.12 -11.42 -41.32
C GLY B 17 -6.58 -10.03 -41.72
N SER B 18 -7.65 -9.93 -42.52
CA SER B 18 -7.93 -8.70 -43.29
C SER B 18 -8.92 -7.76 -42.56
N ASN B 19 -9.69 -8.24 -41.57
CA ASN B 19 -10.92 -7.58 -41.05
C ASN B 19 -11.41 -8.29 -39.78
N LEU B 20 -12.60 -7.91 -39.28
CA LEU B 20 -13.09 -8.36 -37.94
C LEU B 20 -13.58 -9.80 -38.02
N LYS B 21 -14.00 -10.26 -39.20
CA LYS B 21 -14.44 -11.66 -39.45
C LYS B 21 -13.22 -12.56 -39.34
N ASP B 22 -12.10 -12.15 -39.96
CA ASP B 22 -10.80 -12.87 -39.85
C ASP B 22 -10.36 -12.88 -38.37
N LEU B 23 -10.47 -11.74 -37.68
CA LEU B 23 -10.05 -11.62 -36.27
C LEU B 23 -10.81 -12.68 -35.45
N LYS B 24 -12.13 -12.80 -35.67
CA LYS B 24 -13.03 -13.70 -34.92
C LYS B 24 -12.65 -15.16 -35.20
N TYR B 25 -12.31 -15.51 -36.44
CA TYR B 25 -11.86 -16.87 -36.86
C TYR B 25 -10.59 -17.20 -36.08
N VAL B 26 -9.64 -16.27 -36.10
CA VAL B 26 -8.28 -16.52 -35.52
C VAL B 26 -8.41 -16.73 -33.99
N LEU B 27 -9.16 -15.86 -33.31
CA LEU B 27 -9.54 -15.99 -31.88
C LEU B 27 -10.17 -17.37 -31.58
N GLU B 28 -11.30 -17.69 -32.18
CA GLU B 28 -12.11 -18.90 -31.83
C GLU B 28 -11.38 -20.18 -32.26
N ALA B 29 -10.64 -20.19 -33.37
CA ALA B 29 -10.08 -21.44 -33.92
C ALA B 29 -8.67 -21.65 -33.39
N HIS B 30 -7.90 -20.59 -33.12
CA HIS B 30 -6.44 -20.72 -32.83
C HIS B 30 -5.99 -20.14 -31.49
N LEU B 31 -6.65 -19.11 -30.92
CA LEU B 31 -6.18 -18.37 -29.69
C LEU B 31 -7.11 -18.58 -28.49
N LYS B 32 -8.20 -19.36 -28.63
CA LYS B 32 -9.21 -19.64 -27.57
C LYS B 32 -8.51 -20.05 -26.25
N GLU B 33 -7.51 -20.92 -26.30
CA GLU B 33 -6.85 -21.42 -25.08
C GLU B 33 -6.02 -20.31 -24.42
N VAL B 34 -5.47 -19.36 -25.20
CA VAL B 34 -4.35 -18.52 -24.71
C VAL B 34 -4.86 -17.12 -24.35
N VAL B 35 -6.03 -16.70 -24.85
CA VAL B 35 -6.62 -15.37 -24.48
C VAL B 35 -8.10 -15.56 -24.16
N GLY B 36 -8.54 -14.97 -23.06
CA GLY B 36 -9.96 -14.93 -22.60
C GLY B 36 -10.55 -13.58 -22.92
N GLY B 37 -9.75 -12.60 -23.36
CA GLY B 37 -10.22 -11.23 -23.65
C GLY B 37 -9.52 -10.58 -24.83
N VAL B 38 -10.13 -9.55 -25.40
CA VAL B 38 -9.58 -8.82 -26.59
C VAL B 38 -9.84 -7.33 -26.45
N HIS B 39 -8.77 -6.58 -26.63
CA HIS B 39 -8.81 -5.11 -26.85
C HIS B 39 -8.70 -4.85 -28.36
N ILE B 40 -9.83 -4.51 -28.99
CA ILE B 40 -9.84 -4.10 -30.42
C ILE B 40 -9.61 -2.59 -30.45
N LEU B 41 -8.51 -2.18 -31.06
CA LEU B 41 -8.09 -0.78 -31.22
C LEU B 41 -9.07 -0.08 -32.15
N PRO B 42 -9.14 1.28 -32.12
CA PRO B 42 -10.25 1.98 -32.72
C PRO B 42 -10.52 1.55 -34.16
N PHE B 43 -11.79 1.22 -34.39
CA PHE B 43 -12.34 0.61 -35.63
C PHE B 43 -13.45 1.52 -36.20
N TYR B 44 -13.67 2.71 -35.59
CA TYR B 44 -14.62 3.74 -36.07
C TYR B 44 -14.00 4.44 -37.28
N PRO B 45 -14.77 5.04 -38.21
CA PRO B 45 -14.17 5.89 -39.23
C PRO B 45 -13.31 6.95 -38.56
N SER B 46 -12.13 7.19 -39.12
CA SER B 46 -11.06 8.03 -38.56
C SER B 46 -10.39 8.82 -39.68
N SER B 47 -9.94 10.05 -39.42
CA SER B 47 -9.22 10.90 -40.41
C SER B 47 -7.70 10.89 -40.16
N GLY B 48 -7.19 10.15 -39.18
CA GLY B 48 -5.73 10.08 -38.92
C GLY B 48 -5.38 9.29 -37.66
N ASP B 49 -4.09 9.14 -37.40
CA ASP B 49 -3.54 8.55 -36.15
C ASP B 49 -4.10 7.13 -35.97
N ARG B 50 -4.13 6.36 -37.05
CA ARG B 50 -4.63 4.96 -37.11
C ARG B 50 -5.76 4.71 -36.08
N GLY B 51 -6.90 5.39 -36.27
CA GLY B 51 -8.13 5.18 -35.50
C GLY B 51 -8.35 6.26 -34.44
N PHE B 52 -7.30 6.90 -33.96
CA PHE B 52 -7.36 7.83 -32.80
C PHE B 52 -7.76 9.24 -33.25
N ALA B 53 -8.24 9.47 -34.50
CA ALA B 53 -9.02 10.69 -34.89
C ALA B 53 -10.42 10.30 -35.38
N PRO B 54 -11.30 9.85 -34.47
CA PRO B 54 -12.59 9.29 -34.88
C PRO B 54 -13.62 10.34 -35.31
N MET B 55 -14.42 9.98 -36.30
CA MET B 55 -15.46 10.85 -36.92
C MET B 55 -16.86 10.53 -36.37
N ASP B 56 -17.10 9.28 -35.99
CA ASP B 56 -18.46 8.70 -35.79
C ASP B 56 -18.36 7.35 -35.11
N TYR B 57 -18.90 7.25 -33.88
CA TYR B 57 -18.89 6.00 -33.08
C TYR B 57 -20.02 5.05 -33.46
N THR B 58 -21.02 5.52 -34.20
CA THR B 58 -22.25 4.72 -34.40
C THR B 58 -22.02 3.75 -35.55
N LYS B 59 -20.84 3.73 -36.16
CA LYS B 59 -20.55 2.75 -37.25
C LYS B 59 -19.12 2.26 -37.19
N VAL B 60 -18.94 1.02 -37.64
CA VAL B 60 -17.61 0.41 -37.82
C VAL B 60 -17.12 0.87 -39.19
N ASP B 61 -15.86 1.26 -39.33
CA ASP B 61 -15.29 1.63 -40.64
C ASP B 61 -15.46 0.44 -41.59
N GLU B 62 -15.98 0.71 -42.79
CA GLU B 62 -16.57 -0.30 -43.69
C GLU B 62 -15.54 -1.36 -44.03
N PRO B 63 -14.27 -1.01 -44.34
CA PRO B 63 -13.28 -2.05 -44.65
C PRO B 63 -13.08 -3.07 -43.51
N PHE B 64 -13.36 -2.74 -42.25
CA PHE B 64 -13.13 -3.65 -41.10
C PHE B 64 -14.29 -4.62 -40.93
N GLY B 65 -15.48 -4.25 -41.41
CA GLY B 65 -16.70 -5.02 -41.15
C GLY B 65 -17.68 -4.19 -40.35
N THR B 66 -18.38 -4.82 -39.42
CA THR B 66 -19.62 -4.20 -38.88
C THR B 66 -19.67 -4.33 -37.37
N TRP B 67 -20.58 -3.61 -36.75
CA TRP B 67 -20.89 -3.74 -35.31
C TRP B 67 -21.27 -5.18 -34.95
N GLU B 68 -22.02 -5.87 -35.80
CA GLU B 68 -22.42 -7.29 -35.58
C GLU B 68 -21.17 -8.16 -35.36
N ASP B 69 -20.11 -7.96 -36.17
CA ASP B 69 -18.82 -8.70 -36.05
C ASP B 69 -18.15 -8.42 -34.68
N ILE B 70 -18.22 -7.18 -34.20
CA ILE B 70 -17.71 -6.75 -32.87
C ILE B 70 -18.52 -7.46 -31.78
N ARG B 71 -19.86 -7.44 -31.90
CA ARG B 71 -20.76 -8.11 -30.91
C ARG B 71 -20.45 -9.62 -30.88
N GLU B 72 -20.20 -10.27 -32.02
CA GLU B 72 -19.98 -11.75 -32.05
C GLU B 72 -18.66 -12.10 -31.36
N ILE B 73 -17.64 -11.25 -31.41
CA ILE B 73 -16.36 -11.51 -30.71
C ILE B 73 -16.61 -11.53 -29.18
N SER B 74 -17.51 -10.67 -28.68
CA SER B 74 -17.99 -10.59 -27.26
C SER B 74 -18.67 -11.87 -26.75
N ASN B 75 -19.13 -12.78 -27.61
CA ASN B 75 -19.77 -14.03 -27.15
C ASN B 75 -18.72 -14.98 -26.55
N GLU B 76 -17.48 -14.96 -27.05
CA GLU B 76 -16.46 -15.94 -26.58
C GLU B 76 -15.34 -15.26 -25.78
N PHE B 77 -15.22 -13.92 -25.83
CA PHE B 77 -14.08 -13.16 -25.24
C PHE B 77 -14.65 -11.88 -24.62
N TYR B 78 -14.17 -11.51 -23.45
CA TYR B 78 -14.50 -10.19 -22.87
C TYR B 78 -13.77 -9.17 -23.71
N THR B 79 -14.44 -8.07 -24.04
CA THR B 79 -13.92 -7.12 -25.04
C THR B 79 -13.73 -5.76 -24.36
N MET B 80 -12.75 -5.02 -24.87
CA MET B 80 -12.52 -3.60 -24.57
C MET B 80 -12.51 -2.81 -25.88
N TYR B 81 -13.22 -1.70 -25.91
CA TYR B 81 -13.24 -0.71 -27.03
C TYR B 81 -12.93 0.67 -26.44
N GLU B 82 -12.58 1.59 -27.32
CA GLU B 82 -12.04 2.92 -27.01
C GLU B 82 -13.15 3.95 -27.16
N PHE B 83 -13.16 4.91 -26.28
CA PHE B 83 -13.85 6.20 -26.49
C PHE B 83 -12.81 7.29 -26.35
N MET B 84 -12.66 8.14 -27.36
CA MET B 84 -11.68 9.26 -27.27
C MET B 84 -12.34 10.43 -26.53
N ILE B 85 -12.26 10.47 -25.20
CA ILE B 85 -12.95 11.50 -24.39
C ILE B 85 -12.29 12.86 -24.62
N ASN B 86 -11.03 12.87 -25.05
CA ASN B 86 -10.22 14.13 -25.14
C ASN B 86 -10.49 14.86 -26.45
N HIS B 87 -10.83 14.18 -27.54
CA HIS B 87 -10.86 14.81 -28.88
C HIS B 87 -11.65 14.00 -29.89
N ILE B 88 -12.00 14.64 -31.00
CA ILE B 88 -12.79 14.09 -32.13
C ILE B 88 -12.13 14.61 -33.42
N SER B 89 -12.34 13.95 -34.56
CA SER B 89 -11.80 14.32 -35.90
C SER B 89 -12.24 15.73 -36.33
N LYS B 90 -11.32 16.50 -36.91
CA LYS B 90 -11.67 17.76 -37.63
C LYS B 90 -12.63 17.42 -38.79
N GLU B 91 -12.66 16.16 -39.24
CA GLU B 91 -13.44 15.72 -40.43
C GLU B 91 -14.83 15.24 -39.98
N SER B 92 -15.07 15.15 -38.68
CA SER B 92 -16.39 14.87 -38.07
C SER B 92 -17.43 15.90 -38.51
N VAL B 93 -18.67 15.47 -38.69
CA VAL B 93 -19.84 16.37 -38.92
C VAL B 93 -19.88 17.42 -37.82
N TYR B 94 -19.47 17.09 -36.60
CA TYR B 94 -19.62 17.99 -35.44
C TYR B 94 -18.74 19.21 -35.68
N PHE B 95 -17.49 18.98 -36.06
CA PHE B 95 -16.52 20.07 -36.31
C PHE B 95 -16.81 20.78 -37.64
N LYS B 96 -17.17 20.02 -38.66
CA LYS B 96 -17.47 20.60 -40.01
C LYS B 96 -18.69 21.53 -39.89
N ASP B 97 -19.70 21.12 -39.13
CA ASP B 97 -20.89 21.98 -38.82
C ASP B 97 -20.45 23.27 -38.09
N PHE B 98 -19.49 23.17 -37.18
CA PHE B 98 -18.97 24.30 -36.37
C PHE B 98 -18.33 25.31 -37.31
N ILE B 99 -17.46 24.87 -38.23
CA ILE B 99 -16.73 25.77 -39.19
C ILE B 99 -17.74 26.49 -40.09
N GLU B 100 -18.76 25.77 -40.53
CA GLU B 100 -19.80 26.30 -41.45
C GLU B 100 -20.67 27.33 -40.73
N LYS B 101 -21.35 26.95 -39.66
CA LYS B 101 -22.47 27.73 -39.06
C LYS B 101 -21.99 28.51 -37.83
N LYS B 102 -20.81 28.20 -37.31
CA LYS B 102 -20.20 28.91 -36.15
C LYS B 102 -21.25 29.05 -35.02
N GLU B 103 -21.64 30.29 -34.66
CA GLU B 103 -22.58 30.58 -33.54
C GLU B 103 -23.93 29.89 -33.77
N GLU B 104 -24.26 29.50 -35.01
CA GLU B 104 -25.56 28.82 -35.32
C GLU B 104 -25.38 27.28 -35.33
N SER B 105 -24.18 26.75 -35.06
CA SER B 105 -23.93 25.29 -35.04
C SER B 105 -24.49 24.74 -33.75
N PRO B 106 -25.29 23.65 -33.78
CA PRO B 106 -25.66 22.93 -32.54
C PRO B 106 -24.45 22.29 -31.84
N TYR B 107 -23.29 22.24 -32.51
CA TYR B 107 -22.05 21.61 -32.04
C TYR B 107 -20.96 22.63 -31.64
N LYS B 108 -21.26 23.92 -31.57
CA LYS B 108 -20.25 24.97 -31.19
C LYS B 108 -19.65 24.71 -29.80
N ASP B 109 -20.44 24.20 -28.85
CA ASP B 109 -20.03 23.99 -27.43
C ASP B 109 -19.21 22.71 -27.27
N LEU B 110 -18.99 21.95 -28.35
CA LEU B 110 -18.16 20.71 -28.27
C LEU B 110 -16.68 21.07 -28.26
N PHE B 111 -16.33 22.30 -28.66
CA PHE B 111 -14.91 22.73 -28.89
C PHE B 111 -14.58 23.89 -27.96
N ILE B 112 -13.31 23.97 -27.61
CA ILE B 112 -12.79 25.08 -26.76
C ILE B 112 -12.17 26.14 -27.67
N ARG B 113 -12.86 27.28 -27.79
CA ARG B 113 -12.38 28.46 -28.55
C ARG B 113 -11.50 29.29 -27.61
N TYR B 114 -10.35 29.72 -28.12
CA TYR B 114 -9.38 30.61 -27.46
C TYR B 114 -10.07 31.92 -26.98
N SER B 115 -10.82 32.61 -27.84
CA SER B 115 -11.56 33.85 -27.49
C SER B 115 -12.47 33.61 -26.27
N ASP B 116 -13.06 32.43 -26.11
CA ASP B 116 -14.02 32.11 -25.00
C ASP B 116 -13.27 31.67 -23.75
N TYR B 117 -12.16 30.95 -23.90
CA TYR B 117 -11.49 30.29 -22.76
C TYR B 117 -10.65 31.27 -21.93
N TRP B 118 -9.90 32.14 -22.60
CA TRP B 118 -8.96 33.10 -21.94
C TRP B 118 -9.71 34.37 -21.57
N PRO B 119 -9.73 34.76 -20.28
CA PRO B 119 -10.17 36.11 -19.89
C PRO B 119 -9.33 37.18 -20.62
N GLU B 120 -9.79 38.44 -20.57
CA GLU B 120 -9.22 39.60 -21.30
C GLU B 120 -7.76 39.77 -20.91
N ASN B 121 -6.88 40.01 -21.88
CA ASN B 121 -5.43 40.28 -21.67
C ASN B 121 -4.77 39.01 -21.11
N ARG B 122 -5.30 37.85 -21.48
CA ARG B 122 -4.72 36.51 -21.18
C ARG B 122 -4.87 35.70 -22.46
N PRO B 123 -4.05 34.64 -22.68
CA PRO B 123 -3.11 34.14 -21.67
C PRO B 123 -1.84 34.99 -21.53
N THR B 124 -1.31 35.08 -20.31
CA THR B 124 0.07 35.56 -20.01
C THR B 124 1.08 34.48 -20.41
N GLU B 125 2.37 34.83 -20.40
CA GLU B 125 3.48 33.89 -20.67
C GLU B 125 3.42 32.76 -19.64
N ARG B 126 3.10 33.07 -18.39
CA ARG B 126 2.95 32.09 -17.28
C ARG B 126 1.78 31.12 -17.58
N ASP B 127 0.62 31.66 -17.96
CA ASP B 127 -0.58 30.85 -18.33
C ASP B 127 -0.15 29.74 -19.30
N ILE B 128 0.61 30.08 -20.35
CA ILE B 128 0.97 29.11 -21.44
C ILE B 128 2.05 28.14 -20.95
N ASP B 129 3.04 28.67 -20.23
CA ASP B 129 4.16 27.89 -19.65
C ASP B 129 3.58 26.86 -18.66
N LEU B 130 2.54 27.23 -17.91
CA LEU B 130 1.91 26.31 -16.92
C LEU B 130 1.36 25.04 -17.61
N ILE B 131 0.90 25.14 -18.85
CA ILE B 131 0.23 24.01 -19.56
C ILE B 131 1.24 22.89 -19.82
N TYR B 132 0.89 21.69 -19.42
CA TYR B 132 1.62 20.44 -19.72
C TYR B 132 1.56 20.18 -21.24
N LYS B 133 2.70 20.26 -21.93
CA LYS B 133 2.76 20.19 -23.42
C LYS B 133 4.14 19.68 -23.86
N ARG B 134 4.25 19.32 -25.15
CA ARG B 134 5.49 18.81 -25.81
C ARG B 134 6.47 19.96 -26.06
N LYS B 135 5.93 21.07 -26.56
CA LYS B 135 6.71 22.20 -27.14
C LYS B 135 6.27 23.49 -26.44
N ASP B 136 6.89 24.63 -26.79
CA ASP B 136 6.69 25.94 -26.13
C ASP B 136 5.40 26.61 -26.61
N LYS B 137 4.93 26.33 -27.83
CA LYS B 137 3.70 26.95 -28.42
C LYS B 137 2.46 26.43 -27.67
N ALA B 138 1.47 27.29 -27.45
CA ALA B 138 0.18 26.89 -26.86
C ALA B 138 -0.44 25.77 -27.71
N PRO B 139 -1.24 24.85 -27.10
CA PRO B 139 -1.90 23.75 -27.82
C PRO B 139 -3.20 24.14 -28.53
N PHE B 140 -3.05 24.98 -29.56
CA PHE B 140 -4.13 25.67 -30.31
C PHE B 140 -3.84 25.56 -31.79
N ILE B 141 -4.89 25.46 -32.62
CA ILE B 141 -4.75 25.62 -34.09
C ILE B 141 -5.68 26.76 -34.51
N ASP B 142 -5.31 27.47 -35.57
CA ASP B 142 -6.16 28.55 -36.13
C ASP B 142 -7.31 27.89 -36.86
N VAL B 143 -8.50 28.47 -36.76
CA VAL B 143 -9.65 28.08 -37.63
C VAL B 143 -10.21 29.34 -38.28
N THR B 144 -10.67 29.19 -39.53
CA THR B 144 -11.42 30.19 -40.32
C THR B 144 -12.83 29.63 -40.51
N PHE B 145 -13.80 30.37 -40.02
CA PHE B 145 -15.23 30.06 -40.17
C PHE B 145 -15.67 30.41 -41.60
N LYS B 146 -16.78 29.81 -42.06
CA LYS B 146 -17.37 30.03 -43.39
C LYS B 146 -17.65 31.53 -43.59
N ASP B 147 -18.19 32.23 -42.58
CA ASP B 147 -18.49 33.69 -42.64
C ASP B 147 -17.19 34.53 -42.73
N GLY B 148 -16.01 33.94 -42.66
CA GLY B 148 -14.73 34.66 -42.88
C GLY B 148 -13.99 35.01 -41.59
N SER B 149 -14.67 34.95 -40.44
CA SER B 149 -14.05 35.18 -39.10
C SER B 149 -13.06 34.06 -38.77
N THR B 150 -12.17 34.33 -37.82
CA THR B 150 -11.05 33.48 -37.38
C THR B 150 -11.11 33.34 -35.84
N ASP B 151 -10.59 32.24 -35.33
CA ASP B 151 -10.34 32.03 -33.89
C ASP B 151 -9.28 30.92 -33.79
N GLN B 152 -9.07 30.41 -32.60
CA GLN B 152 -8.21 29.23 -32.36
C GLN B 152 -9.01 28.22 -31.53
N VAL B 153 -8.81 26.93 -31.78
CA VAL B 153 -9.47 25.85 -30.99
C VAL B 153 -8.35 25.02 -30.38
N TRP B 154 -8.59 24.54 -29.17
CA TRP B 154 -7.64 23.72 -28.38
C TRP B 154 -7.34 22.45 -29.16
N CYS B 155 -6.06 22.14 -29.29
CA CYS B 155 -5.57 20.95 -30.04
C CYS B 155 -4.31 20.45 -29.33
N THR B 156 -4.45 19.37 -28.57
CA THR B 156 -3.39 18.73 -27.74
C THR B 156 -2.48 17.87 -28.62
N PHE B 157 -3.04 17.06 -29.51
CA PHE B 157 -2.27 16.06 -30.31
C PHE B 157 -2.13 16.59 -31.72
N SER B 158 -2.51 15.83 -32.75
CA SER B 158 -2.32 16.21 -34.17
C SER B 158 -3.42 17.18 -34.59
N GLU B 159 -3.23 17.84 -35.73
CA GLU B 159 -4.19 18.80 -36.36
C GLU B 159 -5.46 18.05 -36.84
N GLU B 160 -5.45 16.72 -36.94
CA GLU B 160 -6.66 15.89 -37.19
C GLU B 160 -7.57 15.84 -35.94
N GLN B 161 -7.03 16.13 -34.75
CA GLN B 161 -7.65 15.81 -33.44
C GLN B 161 -7.96 17.13 -32.72
N ILE B 162 -9.25 17.49 -32.65
CA ILE B 162 -9.74 18.73 -32.00
C ILE B 162 -10.26 18.34 -30.62
N ASP B 163 -9.79 19.00 -29.57
CA ASP B 163 -10.18 18.69 -28.18
C ASP B 163 -11.66 19.00 -27.98
N LEU B 164 -12.34 18.12 -27.25
CA LEU B 164 -13.72 18.32 -26.79
C LEU B 164 -13.72 19.23 -25.55
N ASP B 165 -14.81 19.97 -25.35
CA ASP B 165 -15.06 20.71 -24.08
C ASP B 165 -16.03 19.91 -23.23
N VAL B 166 -15.51 19.08 -22.33
CA VAL B 166 -16.28 18.02 -21.63
C VAL B 166 -17.14 18.65 -20.52
N ARG B 167 -17.05 19.96 -20.32
CA ARG B 167 -17.79 20.67 -19.23
C ARG B 167 -19.19 21.05 -19.68
N THR B 168 -19.49 21.01 -20.99
CA THR B 168 -20.68 21.69 -21.56
C THR B 168 -21.86 20.73 -21.66
N GLU B 169 -23.08 21.26 -21.72
CA GLU B 169 -24.31 20.44 -21.89
C GLU B 169 -24.17 19.61 -23.17
N ALA B 170 -23.71 20.24 -24.24
CA ALA B 170 -23.64 19.62 -25.57
C ALA B 170 -22.60 18.48 -25.58
N THR B 171 -21.43 18.67 -25.00
CA THR B 171 -20.43 17.59 -25.00
C THR B 171 -20.90 16.47 -24.08
N ARG B 172 -21.50 16.81 -22.93
CA ARG B 172 -22.01 15.80 -21.98
C ARG B 172 -23.11 14.96 -22.64
N LYS B 173 -23.98 15.55 -23.47
CA LYS B 173 -25.01 14.80 -24.22
C LYS B 173 -24.33 13.83 -25.21
N PHE B 174 -23.36 14.34 -25.99
CA PHE B 174 -22.59 13.52 -26.96
C PHE B 174 -21.90 12.32 -26.25
N VAL B 175 -21.20 12.62 -25.16
CA VAL B 175 -20.43 11.60 -24.41
C VAL B 175 -21.39 10.57 -23.81
N ARG B 176 -22.47 11.02 -23.15
CA ARG B 176 -23.49 10.17 -22.51
C ARG B 176 -24.05 9.19 -23.55
N GLU B 177 -24.54 9.73 -24.67
CA GLU B 177 -25.22 8.92 -25.70
C GLU B 177 -24.18 7.96 -26.31
N THR B 178 -22.96 8.43 -26.59
CA THR B 178 -21.92 7.55 -27.17
C THR B 178 -21.58 6.42 -26.20
N LEU B 179 -21.42 6.73 -24.92
CA LEU B 179 -21.11 5.66 -23.95
C LEU B 179 -22.26 4.67 -23.89
N GLU B 180 -23.51 5.15 -23.92
CA GLU B 180 -24.73 4.29 -23.90
C GLU B 180 -24.77 3.41 -25.15
N PHE B 181 -24.46 3.96 -26.34
CA PHE B 181 -24.43 3.20 -27.60
C PHE B 181 -23.36 2.09 -27.51
N LEU B 182 -22.14 2.48 -27.12
CA LEU B 182 -21.00 1.55 -27.07
C LEU B 182 -21.31 0.41 -26.07
N ALA B 183 -22.09 0.71 -25.02
CA ALA B 183 -22.46 -0.25 -23.96
C ALA B 183 -23.32 -1.35 -24.57
N GLN B 184 -24.00 -1.10 -25.70
CA GLN B 184 -24.89 -2.10 -26.32
C GLN B 184 -24.13 -2.98 -27.31
N GLN B 185 -22.85 -2.71 -27.60
CA GLN B 185 -22.07 -3.50 -28.58
C GLN B 185 -21.15 -4.55 -27.92
N GLY B 186 -21.37 -4.92 -26.67
CA GLY B 186 -20.79 -6.15 -26.10
C GLY B 186 -19.59 -5.91 -25.19
N ALA B 187 -19.19 -4.67 -24.90
CA ALA B 187 -17.93 -4.38 -24.17
C ALA B 187 -18.09 -4.79 -22.73
N SER B 188 -17.02 -5.29 -22.09
CA SER B 188 -16.94 -5.47 -20.63
C SER B 188 -16.14 -4.30 -20.06
N ILE B 189 -15.33 -3.67 -20.91
CA ILE B 189 -14.49 -2.51 -20.53
C ILE B 189 -14.57 -1.44 -21.63
N ILE B 190 -14.55 -0.19 -21.22
CA ILE B 190 -14.38 0.96 -22.13
C ILE B 190 -13.10 1.65 -21.71
N ARG B 191 -12.15 1.78 -22.65
CA ARG B 191 -10.87 2.49 -22.47
C ARG B 191 -11.05 3.98 -22.80
N LEU B 192 -10.73 4.88 -21.89
CA LEU B 192 -10.78 6.35 -22.12
C LEU B 192 -9.39 6.82 -22.55
N ASP B 193 -9.18 7.02 -23.85
CA ASP B 193 -7.86 7.41 -24.38
C ASP B 193 -7.56 8.83 -23.91
N ALA B 194 -6.31 9.09 -23.51
CA ALA B 194 -5.79 10.45 -23.20
C ALA B 194 -6.65 11.14 -22.14
N PHE B 195 -7.12 10.37 -21.17
CA PHE B 195 -8.08 10.79 -20.12
C PHE B 195 -7.56 12.01 -19.34
N ALA B 196 -6.27 12.02 -19.03
CA ALA B 196 -5.63 13.01 -18.12
C ALA B 196 -5.70 14.41 -18.72
N TYR B 197 -5.88 14.51 -20.05
CA TYR B 197 -5.92 15.78 -20.80
C TYR B 197 -7.33 16.38 -20.81
N ALA B 198 -8.35 15.65 -20.33
CA ALA B 198 -9.76 16.02 -20.61
C ALA B 198 -10.16 17.34 -19.91
N ILE B 199 -9.58 17.69 -18.76
CA ILE B 199 -9.96 18.95 -18.06
C ILE B 199 -8.99 20.07 -18.41
N LYS B 200 -9.50 21.13 -19.04
CA LYS B 200 -8.77 22.41 -19.19
C LYS B 200 -9.31 23.41 -18.16
N LYS B 201 -8.44 24.02 -17.36
CA LYS B 201 -8.84 24.98 -16.31
C LYS B 201 -7.78 26.08 -16.12
N LEU B 202 -8.23 27.34 -16.06
CA LEU B 202 -7.40 28.55 -15.79
C LEU B 202 -6.56 28.33 -14.53
N ASP B 203 -5.27 28.70 -14.59
CA ASP B 203 -4.30 28.62 -13.47
C ASP B 203 -3.96 27.17 -13.14
N THR B 204 -4.16 26.22 -14.07
CA THR B 204 -3.69 24.81 -13.92
C THR B 204 -2.90 24.41 -15.16
N ASN B 205 -2.12 23.33 -15.02
CA ASN B 205 -1.31 22.72 -16.11
C ASN B 205 -2.19 21.95 -17.10
N CYS B 206 -3.50 21.86 -16.83
CA CYS B 206 -4.52 21.19 -17.69
C CYS B 206 -4.17 19.70 -17.83
N PHE B 207 -3.57 19.11 -16.81
CA PHE B 207 -3.19 17.69 -16.80
C PHE B 207 -3.69 17.07 -15.51
N PHE B 208 -4.56 16.06 -15.61
CA PHE B 208 -5.14 15.37 -14.43
C PHE B 208 -5.52 16.42 -13.36
N VAL B 209 -6.40 17.36 -13.71
CA VAL B 209 -6.83 18.51 -12.84
C VAL B 209 -7.84 18.00 -11.80
N GLU B 210 -7.47 17.97 -10.53
CA GLU B 210 -8.30 17.48 -9.40
C GLU B 210 -8.93 18.68 -8.70
N PRO B 211 -10.20 18.59 -8.24
CA PRO B 211 -10.98 17.35 -8.31
C PRO B 211 -11.85 17.10 -9.56
N GLU B 212 -11.85 18.02 -10.53
CA GLU B 212 -12.76 17.97 -11.72
C GLU B 212 -12.58 16.64 -12.48
N ILE B 213 -11.36 16.15 -12.60
CA ILE B 213 -11.08 14.91 -13.38
C ILE B 213 -11.80 13.73 -12.68
N TRP B 214 -11.88 13.70 -11.36
CA TRP B 214 -12.68 12.70 -10.60
C TRP B 214 -14.19 12.89 -10.85
N GLU B 215 -14.67 14.13 -10.88
CA GLU B 215 -16.10 14.40 -11.19
C GLU B 215 -16.40 13.73 -12.54
N LEU B 216 -15.51 13.94 -13.53
CA LEU B 216 -15.67 13.43 -14.92
C LEU B 216 -15.59 11.90 -14.94
N LEU B 217 -14.58 11.30 -14.32
CA LEU B 217 -14.44 9.82 -14.30
C LEU B 217 -15.69 9.20 -13.60
N ASP B 218 -16.14 9.78 -12.47
CA ASP B 218 -17.26 9.22 -11.66
C ASP B 218 -18.56 9.36 -12.46
N TRP B 219 -18.68 10.46 -13.20
CA TRP B 219 -19.88 10.73 -14.04
C TRP B 219 -19.99 9.64 -15.11
N CYS B 220 -18.89 9.30 -15.79
CA CYS B 220 -18.84 8.21 -16.80
C CYS B 220 -19.14 6.84 -16.16
N ARG B 221 -18.48 6.53 -15.06
CA ARG B 221 -18.77 5.31 -14.28
C ARG B 221 -20.26 5.25 -13.95
N ASP B 222 -20.86 6.36 -13.58
CA ASP B 222 -22.30 6.39 -13.19
C ASP B 222 -23.15 5.96 -14.38
N ILE B 223 -22.82 6.44 -15.58
CA ILE B 223 -23.53 6.04 -16.84
C ILE B 223 -23.39 4.53 -17.04
N LEU B 224 -22.23 3.91 -16.79
CA LEU B 224 -21.93 2.53 -17.26
C LEU B 224 -22.22 1.48 -16.17
N GLU B 225 -22.32 1.86 -14.89
CA GLU B 225 -22.64 0.93 -13.76
C GLU B 225 -23.83 0.04 -14.15
N LYS B 226 -24.89 0.65 -14.70
CA LYS B 226 -26.15 -0.08 -14.97
C LYS B 226 -25.91 -1.12 -16.08
N HIS B 227 -24.81 -1.01 -16.84
CA HIS B 227 -24.47 -1.97 -17.93
C HIS B 227 -23.44 -3.00 -17.47
N GLU B 228 -23.03 -2.99 -16.21
CA GLU B 228 -21.94 -3.86 -15.69
C GLU B 228 -20.70 -3.69 -16.60
N ILE B 229 -20.38 -2.45 -17.00
CA ILE B 229 -19.16 -2.15 -17.81
C ILE B 229 -18.22 -1.33 -16.96
N VAL B 230 -16.92 -1.62 -17.07
CA VAL B 230 -15.80 -1.00 -16.29
C VAL B 230 -15.15 0.07 -17.18
N LEU B 231 -14.71 1.16 -16.57
CA LEU B 231 -13.94 2.25 -17.20
C LEU B 231 -12.43 1.99 -16.96
N LEU B 232 -11.63 2.01 -18.03
CA LEU B 232 -10.15 1.99 -17.94
C LEU B 232 -9.59 3.32 -18.42
N PRO B 233 -9.26 4.26 -17.52
CA PRO B 233 -8.63 5.50 -17.94
C PRO B 233 -7.16 5.23 -18.30
N GLU B 234 -6.78 5.59 -19.52
CA GLU B 234 -5.39 5.50 -20.02
C GLU B 234 -4.61 6.76 -19.63
N ILE B 235 -3.48 6.59 -18.93
CA ILE B 235 -2.50 7.66 -18.58
C ILE B 235 -1.09 7.03 -18.51
N HIS B 236 -0.08 7.73 -19.02
CA HIS B 236 1.32 7.25 -19.13
C HIS B 236 2.24 7.91 -18.08
N GLU B 237 1.92 9.14 -17.66
CA GLU B 237 2.78 10.16 -17.01
C GLU B 237 3.63 9.61 -15.84
N HIS B 238 3.02 9.11 -14.78
CA HIS B 238 3.70 8.85 -13.48
C HIS B 238 2.88 7.82 -12.69
N TYR B 239 3.55 6.85 -12.06
CA TYR B 239 2.90 5.72 -11.37
C TYR B 239 2.03 6.21 -10.20
N THR B 240 2.30 7.40 -9.63
CA THR B 240 1.50 7.97 -8.51
C THR B 240 0.06 8.30 -8.97
N ILE B 241 -0.10 8.66 -10.24
CA ILE B 241 -1.44 8.89 -10.84
C ILE B 241 -2.17 7.54 -10.98
N GLN B 242 -1.48 6.48 -11.42
CA GLN B 242 -2.09 5.13 -11.43
C GLN B 242 -2.54 4.76 -10.00
N GLU B 243 -1.70 4.99 -8.98
CA GLU B 243 -2.05 4.62 -7.59
C GLU B 243 -3.32 5.35 -7.14
N LYS B 244 -3.46 6.62 -7.51
CA LYS B 244 -4.60 7.47 -7.06
C LYS B 244 -5.90 6.95 -7.68
N ILE B 245 -5.88 6.57 -8.98
CA ILE B 245 -7.04 6.01 -9.73
C ILE B 245 -7.41 4.66 -9.12
N ALA B 246 -6.41 3.81 -8.84
CA ALA B 246 -6.62 2.45 -8.32
C ALA B 246 -7.30 2.55 -6.96
N ASP B 247 -6.88 3.53 -6.15
CA ASP B 247 -7.42 3.79 -4.79
C ASP B 247 -8.91 4.14 -4.86
N LYS B 248 -9.35 4.82 -5.93
CA LYS B 248 -10.79 5.15 -6.18
C LYS B 248 -11.53 3.93 -6.74
N GLY B 249 -10.87 2.77 -6.84
CA GLY B 249 -11.52 1.50 -7.17
C GLY B 249 -11.49 1.13 -8.65
N TYR B 250 -10.96 1.97 -9.53
CA TYR B 250 -10.88 1.69 -10.99
C TYR B 250 -9.66 0.86 -11.32
N PRO B 251 -9.71 0.06 -12.41
CA PRO B 251 -8.52 -0.64 -12.91
C PRO B 251 -7.58 0.39 -13.51
N VAL B 252 -6.29 0.07 -13.58
CA VAL B 252 -5.29 0.95 -14.21
C VAL B 252 -4.37 0.12 -15.11
N TYR B 253 -3.63 0.82 -15.96
CA TYR B 253 -2.52 0.26 -16.75
C TYR B 253 -1.26 0.24 -15.88
N ASP B 254 -0.45 -0.79 -16.03
CA ASP B 254 1.00 -0.81 -15.72
C ASP B 254 1.79 -0.63 -17.03
N PHE B 255 2.19 0.61 -17.30
CA PHE B 255 3.11 1.01 -18.40
C PHE B 255 4.55 1.20 -17.87
N ALA B 256 4.84 0.84 -16.61
CA ALA B 256 6.21 0.82 -16.04
C ALA B 256 6.89 -0.54 -16.29
N LEU B 257 6.14 -1.62 -16.19
CA LEU B 257 6.63 -3.01 -16.39
C LEU B 257 7.51 -3.13 -17.63
N PRO B 258 7.18 -2.55 -18.81
CA PRO B 258 8.01 -2.72 -20.01
C PRO B 258 9.48 -2.36 -19.82
N MET B 259 9.76 -1.16 -19.30
CA MET B 259 11.13 -0.67 -19.06
C MET B 259 11.73 -1.40 -17.84
N LEU B 260 10.95 -1.73 -16.80
CA LEU B 260 11.47 -2.47 -15.62
C LEU B 260 11.97 -3.87 -16.04
N VAL B 261 11.28 -4.54 -16.97
CA VAL B 261 11.68 -5.89 -17.49
C VAL B 261 12.87 -5.73 -18.46
N LEU B 262 12.89 -4.70 -19.32
CA LEU B 262 14.04 -4.49 -20.22
C LEU B 262 15.29 -4.23 -19.37
N HIS B 263 15.17 -3.38 -18.37
CA HIS B 263 16.28 -3.03 -17.47
C HIS B 263 16.78 -4.27 -16.75
N ALA B 264 15.87 -5.09 -16.23
CA ALA B 264 16.21 -6.28 -15.43
C ALA B 264 17.02 -7.23 -16.30
N LEU B 265 16.60 -7.39 -17.56
CA LEU B 265 17.19 -8.39 -18.48
C LEU B 265 18.55 -7.85 -18.97
N TYR B 266 18.70 -6.54 -19.19
CA TYR B 266 19.96 -5.98 -19.73
C TYR B 266 20.98 -5.88 -18.60
N SER B 267 20.54 -5.57 -17.38
CA SER B 267 21.44 -5.39 -16.20
C SER B 267 21.67 -6.73 -15.49
N GLY B 268 20.75 -7.70 -15.61
CA GLY B 268 20.80 -8.94 -14.83
C GLY B 268 20.46 -8.71 -13.36
N ARG B 269 19.76 -7.62 -13.01
CA ARG B 269 19.44 -7.23 -11.61
C ARG B 269 17.93 -7.35 -11.33
N SER B 270 17.54 -7.75 -10.12
CA SER B 270 16.14 -8.09 -9.76
C SER B 270 15.52 -7.01 -8.85
N GLU B 271 16.33 -6.11 -8.29
CA GLU B 271 15.96 -5.14 -7.21
C GLU B 271 14.83 -4.19 -7.66
N ARG B 272 14.95 -3.50 -8.78
CA ARG B 272 13.97 -2.45 -9.16
C ARG B 272 12.64 -3.11 -9.58
N LEU B 273 12.72 -4.23 -10.28
CA LEU B 273 11.53 -4.97 -10.76
C LEU B 273 10.78 -5.52 -9.54
N ALA B 274 11.49 -6.10 -8.59
CA ALA B 274 10.90 -6.71 -7.37
C ALA B 274 10.23 -5.62 -6.53
N HIS B 275 10.83 -4.45 -6.41
CA HIS B 275 10.23 -3.30 -5.69
C HIS B 275 8.88 -2.97 -6.29
N TRP B 276 8.81 -2.80 -7.62
CA TRP B 276 7.54 -2.45 -8.29
C TRP B 276 6.51 -3.58 -8.13
N LEU B 277 6.89 -4.86 -8.31
CA LEU B 277 5.96 -6.01 -8.24
C LEU B 277 5.31 -6.09 -6.85
N LYS B 278 6.02 -5.66 -5.81
CA LYS B 278 5.50 -5.64 -4.42
C LYS B 278 4.55 -4.46 -4.20
N ALA B 279 4.89 -3.29 -4.74
CA ALA B 279 4.26 -1.99 -4.41
C ALA B 279 3.21 -1.58 -5.46
N CYS B 280 3.09 -2.27 -6.60
CA CYS B 280 2.20 -1.85 -7.72
C CYS B 280 0.76 -2.14 -7.34
N PRO B 281 -0.23 -1.41 -7.90
CA PRO B 281 -1.65 -1.71 -7.66
C PRO B 281 -1.93 -3.16 -8.07
N ARG B 282 -2.90 -3.78 -7.40
CA ARG B 282 -3.30 -5.20 -7.59
C ARG B 282 -4.28 -5.31 -8.77
N LYS B 283 -5.04 -4.27 -9.09
CA LYS B 283 -6.10 -4.32 -10.13
C LYS B 283 -5.62 -3.56 -11.36
N GLN B 284 -4.87 -4.23 -12.23
CA GLN B 284 -4.23 -3.53 -13.35
C GLN B 284 -4.21 -4.42 -14.58
N PHE B 285 -3.97 -3.76 -15.70
CA PHE B 285 -3.68 -4.41 -17.01
C PHE B 285 -2.21 -4.12 -17.29
N THR B 286 -1.40 -5.16 -17.32
CA THR B 286 0.06 -5.04 -17.49
C THR B 286 0.39 -5.18 -18.98
N THR B 287 1.55 -4.65 -19.36
CA THR B 287 1.96 -4.50 -20.78
C THR B 287 3.46 -4.70 -20.88
N LEU B 288 3.94 -5.26 -21.98
CA LEU B 288 5.36 -5.10 -22.39
C LEU B 288 5.33 -4.20 -23.63
N ASP B 289 4.66 -4.67 -24.66
CA ASP B 289 4.37 -3.93 -25.92
C ASP B 289 2.91 -3.49 -25.91
N THR B 290 2.66 -2.35 -26.56
CA THR B 290 1.35 -1.85 -26.98
C THR B 290 1.44 -1.55 -28.48
N HIS B 291 0.38 -0.98 -29.04
CA HIS B 291 0.35 -0.40 -30.41
C HIS B 291 1.29 0.80 -30.51
N ASP B 292 1.69 1.40 -29.38
CA ASP B 292 2.57 2.59 -29.38
C ASP B 292 4.01 2.11 -29.26
N GLY B 293 4.98 3.01 -29.22
CA GLY B 293 6.38 2.63 -28.96
C GLY B 293 6.56 2.35 -27.49
N ILE B 294 7.71 1.82 -27.10
CA ILE B 294 8.06 1.62 -25.66
C ILE B 294 8.15 2.99 -24.97
N GLY B 295 7.37 3.23 -23.92
CA GLY B 295 7.34 4.49 -23.17
C GLY B 295 8.43 4.50 -22.11
N VAL B 296 9.24 5.56 -22.07
CA VAL B 296 10.31 5.76 -21.04
C VAL B 296 9.81 6.68 -19.92
N VAL B 297 8.98 7.69 -20.21
CA VAL B 297 8.46 8.64 -19.18
C VAL B 297 7.68 7.86 -18.09
N ASP B 298 7.12 6.69 -18.46
CA ASP B 298 6.16 5.94 -17.61
C ASP B 298 6.90 5.27 -16.44
N VAL B 299 8.22 5.08 -16.56
CA VAL B 299 9.02 4.37 -15.52
C VAL B 299 9.75 5.40 -14.64
N LYS B 300 9.43 6.69 -14.80
CA LYS B 300 10.09 7.78 -14.03
C LYS B 300 9.97 7.47 -12.53
N ASP B 301 11.08 7.52 -11.83
CA ASP B 301 11.21 7.34 -10.36
C ASP B 301 11.22 5.86 -9.99
N LEU B 302 10.85 4.93 -10.87
CA LEU B 302 10.90 3.45 -10.55
C LEU B 302 12.23 2.87 -11.05
N LEU B 303 12.88 3.57 -11.99
CA LEU B 303 14.31 3.45 -12.33
C LEU B 303 14.87 4.86 -12.17
N THR B 304 16.15 4.97 -11.78
CA THR B 304 16.90 6.25 -11.80
C THR B 304 17.04 6.73 -13.25
N GLU B 305 17.33 8.02 -13.47
CA GLU B 305 17.47 8.56 -14.85
C GLU B 305 18.60 7.81 -15.55
N GLU B 306 19.62 7.39 -14.82
CA GLU B 306 20.82 6.75 -15.44
C GLU B 306 20.48 5.31 -15.83
N GLU B 307 19.66 4.64 -15.03
CA GLU B 307 19.15 3.27 -15.31
C GLU B 307 18.30 3.31 -16.58
N VAL B 308 17.48 4.36 -16.73
CA VAL B 308 16.71 4.58 -17.99
C VAL B 308 17.73 4.74 -19.13
N GLU B 309 18.68 5.66 -19.01
CA GLU B 309 19.70 5.90 -20.07
C GLU B 309 20.43 4.58 -20.37
N PHE B 310 20.79 3.77 -19.39
CA PHE B 310 21.49 2.47 -19.61
C PHE B 310 20.60 1.54 -20.46
N THR B 311 19.30 1.52 -20.18
CA THR B 311 18.30 0.60 -20.78
C THR B 311 18.07 1.01 -22.25
N VAL B 312 17.87 2.31 -22.50
CA VAL B 312 17.68 2.86 -23.86
C VAL B 312 18.97 2.67 -24.68
N ASN B 313 20.17 2.80 -24.11
CA ASN B 313 21.42 2.54 -24.87
C ASN B 313 21.58 1.04 -25.11
N SER B 314 21.17 0.17 -24.19
CA SER B 314 21.29 -1.30 -24.37
C SER B 314 20.40 -1.73 -25.54
N LEU B 315 19.20 -1.15 -25.61
CA LEU B 315 18.22 -1.42 -26.70
C LEU B 315 18.85 -1.08 -28.05
N TYR B 316 19.45 0.11 -28.20
CA TYR B 316 20.10 0.53 -29.48
C TYR B 316 21.39 -0.27 -29.70
N GLU B 317 22.11 -0.65 -28.63
CA GLU B 317 23.38 -1.42 -28.68
C GLU B 317 23.12 -2.88 -29.10
N LYS B 318 22.10 -3.52 -28.50
CA LYS B 318 21.81 -4.98 -28.57
C LYS B 318 20.57 -5.29 -29.41
N GLY B 319 19.71 -4.29 -29.69
CA GLY B 319 18.40 -4.54 -30.34
C GLY B 319 18.59 -5.04 -31.76
N ALA B 320 17.66 -5.84 -32.29
CA ALA B 320 17.67 -6.34 -33.70
C ALA B 320 17.06 -5.28 -34.63
N ASN B 321 17.88 -4.69 -35.51
CA ASN B 321 17.49 -3.73 -36.59
C ASN B 321 16.69 -2.58 -36.00
N VAL B 322 17.28 -1.86 -35.06
CA VAL B 322 16.70 -0.63 -34.43
C VAL B 322 17.59 0.54 -34.82
N LYS B 323 17.02 1.69 -35.16
CA LYS B 323 17.78 2.94 -35.40
C LYS B 323 17.12 4.05 -34.58
N ARG B 324 17.93 4.95 -34.02
CA ARG B 324 17.47 6.15 -33.31
C ARG B 324 16.54 6.95 -34.22
N VAL B 325 16.83 7.03 -35.52
CA VAL B 325 16.08 7.89 -36.51
C VAL B 325 14.62 7.42 -36.67
N TYR B 326 14.35 6.12 -36.49
CA TYR B 326 12.96 5.57 -36.50
C TYR B 326 12.04 6.17 -35.42
N SER B 327 12.59 6.75 -34.35
CA SER B 327 11.85 7.40 -33.23
C SER B 327 11.97 8.94 -33.29
N SER B 328 12.53 9.48 -34.38
CA SER B 328 12.68 10.94 -34.65
C SER B 328 11.45 11.46 -35.39
N GLU B 329 11.40 12.76 -35.63
CA GLU B 329 10.30 13.47 -36.30
C GLU B 329 10.28 13.10 -37.77
N GLU B 330 11.41 12.62 -38.33
CA GLU B 330 11.51 12.17 -39.75
C GLU B 330 10.49 11.06 -39.98
N TYR B 331 10.25 10.25 -38.95
CA TYR B 331 9.36 9.06 -39.06
C TYR B 331 8.04 9.33 -38.32
N ASN B 332 7.73 10.60 -38.08
CA ASN B 332 6.40 11.12 -37.65
C ASN B 332 6.12 10.70 -36.20
N ASN B 333 7.12 10.75 -35.34
CA ASN B 333 7.03 10.48 -33.89
C ASN B 333 6.88 11.86 -33.20
N LEU B 334 5.65 12.29 -32.90
CA LEU B 334 5.40 13.52 -32.08
C LEU B 334 6.26 13.45 -30.80
N ASP B 335 6.38 12.24 -30.23
CA ASP B 335 6.95 11.99 -28.89
C ASP B 335 8.46 11.82 -29.01
N ILE B 336 9.23 12.41 -28.11
CA ILE B 336 10.72 12.32 -28.07
C ILE B 336 11.11 11.19 -27.10
N TYR B 337 10.15 10.66 -26.33
CA TYR B 337 10.40 9.75 -25.19
C TYR B 337 9.88 8.33 -25.47
N GLN B 338 9.20 8.09 -26.59
CA GLN B 338 8.77 6.72 -26.95
C GLN B 338 9.79 6.13 -27.92
N ILE B 339 10.04 4.83 -27.82
CA ILE B 339 10.95 4.14 -28.76
C ILE B 339 10.14 3.20 -29.66
N ASN B 340 10.26 3.37 -30.97
CA ASN B 340 9.63 2.50 -31.97
C ASN B 340 10.51 1.25 -32.13
N CYS B 341 10.05 0.12 -31.59
CA CYS B 341 10.76 -1.17 -31.56
C CYS B 341 9.78 -2.22 -31.03
N THR B 342 9.71 -3.39 -31.68
CA THR B 342 8.97 -4.55 -31.16
C THR B 342 9.71 -4.94 -29.87
N TYR B 343 8.96 -5.44 -28.87
CA TYR B 343 9.56 -5.91 -27.61
C TYR B 343 10.51 -7.07 -27.91
N TYR B 344 10.22 -7.91 -28.90
CA TYR B 344 11.09 -9.07 -29.24
C TYR B 344 12.38 -8.55 -29.83
N SER B 345 12.33 -7.55 -30.70
CA SER B 345 13.54 -6.95 -31.32
C SER B 345 14.32 -6.12 -30.27
N ALA B 346 13.65 -5.56 -29.25
CA ALA B 346 14.30 -4.82 -28.15
C ALA B 346 15.17 -5.75 -27.33
N LEU B 347 14.84 -7.05 -27.26
CA LEU B 347 15.67 -8.07 -26.56
C LEU B 347 16.55 -8.81 -27.58
N GLY B 348 16.84 -8.19 -28.71
CA GLY B 348 17.75 -8.75 -29.73
C GLY B 348 17.18 -9.97 -30.42
N ASN B 349 15.87 -10.11 -30.53
CA ASN B 349 15.22 -11.31 -31.12
C ASN B 349 15.73 -12.53 -30.34
N ASP B 350 16.01 -12.36 -29.06
CA ASP B 350 16.51 -13.47 -28.21
C ASP B 350 15.27 -14.18 -27.61
N ASP B 351 15.00 -15.44 -28.05
CA ASP B 351 13.77 -16.21 -27.73
C ASP B 351 13.69 -16.46 -26.21
N GLN B 352 14.83 -16.80 -25.64
CA GLN B 352 15.02 -17.11 -24.19
C GLN B 352 14.71 -15.88 -23.33
N ALA B 353 15.39 -14.77 -23.55
CA ALA B 353 15.15 -13.50 -22.85
C ALA B 353 13.69 -13.07 -23.05
N TYR B 354 13.14 -13.22 -24.25
CA TYR B 354 11.75 -12.79 -24.56
C TYR B 354 10.73 -13.63 -23.75
N LEU B 355 10.88 -14.96 -23.75
CA LEU B 355 9.98 -15.85 -22.98
C LEU B 355 10.05 -15.51 -21.49
N LEU B 356 11.25 -15.23 -20.98
CA LEU B 356 11.47 -14.78 -19.58
C LEU B 356 10.69 -13.46 -19.37
N ALA B 357 10.74 -12.52 -20.30
CA ALA B 357 9.99 -11.24 -20.18
C ALA B 357 8.49 -11.55 -20.02
N ARG B 358 7.98 -12.45 -20.85
CA ARG B 358 6.55 -12.82 -20.87
C ARG B 358 6.15 -13.61 -19.60
N ALA B 359 7.03 -14.48 -19.09
CA ALA B 359 6.82 -15.24 -17.84
C ALA B 359 6.71 -14.26 -16.67
N ILE B 360 7.57 -13.25 -16.62
CA ILE B 360 7.51 -12.17 -15.58
C ILE B 360 6.18 -11.44 -15.72
N GLN B 361 5.82 -11.11 -16.97
CA GLN B 361 4.54 -10.40 -17.21
C GLN B 361 3.38 -11.26 -16.74
N MET B 362 3.37 -12.57 -17.04
CA MET B 362 2.27 -13.47 -16.65
C MET B 362 2.15 -13.50 -15.12
N PHE B 363 3.27 -13.45 -14.40
CA PHE B 363 3.29 -13.48 -12.91
C PHE B 363 3.12 -12.10 -12.26
N ALA B 364 3.01 -11.00 -13.02
CA ALA B 364 2.94 -9.61 -12.47
C ALA B 364 1.51 -9.35 -12.01
N PRO B 365 1.28 -8.62 -10.89
CA PRO B 365 -0.09 -8.40 -10.45
C PRO B 365 -0.91 -7.78 -11.59
N GLY B 366 -2.14 -8.26 -11.80
CA GLY B 366 -3.08 -7.76 -12.81
C GLY B 366 -3.36 -8.77 -13.91
N ILE B 367 -4.05 -8.31 -14.94
CA ILE B 367 -4.35 -9.12 -16.14
C ILE B 367 -3.27 -8.76 -17.16
N PRO B 368 -2.51 -9.74 -17.66
CA PRO B 368 -1.49 -9.43 -18.64
C PRO B 368 -2.18 -9.16 -19.98
N GLN B 369 -1.81 -8.07 -20.66
CA GLN B 369 -2.24 -7.78 -22.06
C GLN B 369 -1.07 -8.19 -22.95
N VAL B 370 -1.37 -8.88 -24.04
CA VAL B 370 -0.36 -9.34 -25.01
C VAL B 370 -0.68 -8.70 -26.35
N TYR B 371 0.13 -7.74 -26.77
CA TYR B 371 0.00 -7.10 -28.09
C TYR B 371 0.23 -8.17 -29.16
N TYR B 372 -0.54 -8.08 -30.25
CA TYR B 372 -0.63 -9.17 -31.26
C TYR B 372 0.77 -9.42 -31.87
N VAL B 373 1.63 -8.39 -32.03
CA VAL B 373 2.99 -8.55 -32.65
C VAL B 373 3.81 -9.41 -31.68
N GLY B 374 3.73 -9.14 -30.38
CA GLY B 374 4.39 -9.92 -29.32
C GLY B 374 3.84 -11.34 -29.21
N LEU B 375 2.54 -11.54 -29.42
CA LEU B 375 1.93 -12.88 -29.42
C LEU B 375 2.69 -13.79 -30.39
N PHE B 376 3.16 -13.21 -31.51
CA PHE B 376 3.79 -13.93 -32.63
C PHE B 376 5.28 -13.65 -32.64
N ALA B 377 5.86 -13.33 -31.48
CA ALA B 377 7.29 -13.01 -31.36
C ALA B 377 7.75 -12.23 -32.62
N GLY B 378 7.07 -11.12 -32.90
CA GLY B 378 7.28 -10.34 -34.13
C GLY B 378 8.53 -9.49 -34.05
N GLU B 379 9.34 -9.52 -35.09
CA GLU B 379 10.58 -8.70 -35.14
C GLU B 379 10.25 -7.40 -35.86
N ASN B 380 11.15 -6.43 -35.78
CA ASN B 380 10.98 -5.08 -36.34
C ASN B 380 10.58 -5.20 -37.82
N ASP B 381 9.48 -4.57 -38.20
CA ASP B 381 8.94 -4.63 -39.58
C ASP B 381 9.58 -3.47 -40.37
N ILE B 382 10.80 -3.66 -40.87
CA ILE B 382 11.56 -2.61 -41.61
C ILE B 382 10.88 -2.37 -42.98
N GLU B 383 10.34 -3.44 -43.60
CA GLU B 383 9.62 -3.42 -44.91
C GLU B 383 8.46 -2.39 -44.80
N LEU B 384 7.56 -2.56 -43.82
CA LEU B 384 6.38 -1.68 -43.64
C LEU B 384 6.85 -0.26 -43.30
N LEU B 385 7.81 -0.14 -42.38
CA LEU B 385 8.36 1.16 -41.93
C LEU B 385 8.89 1.96 -43.13
N GLU B 386 9.57 1.32 -44.06
CA GLU B 386 10.19 1.97 -45.24
C GLU B 386 9.07 2.33 -46.21
N GLN B 387 8.12 1.42 -46.46
CA GLN B 387 6.91 1.68 -47.27
C GLN B 387 6.17 2.93 -46.73
N THR B 388 5.87 3.02 -45.43
CA THR B 388 4.95 4.06 -44.89
C THR B 388 5.68 5.30 -44.37
N LYS B 389 6.95 5.18 -43.95
CA LYS B 389 7.71 6.18 -43.15
C LYS B 389 6.97 6.58 -41.86
N GLU B 390 6.11 5.72 -41.34
CA GLU B 390 5.54 5.87 -39.98
C GLU B 390 6.43 5.04 -39.01
N GLY B 391 7.18 5.71 -38.14
CA GLY B 391 8.05 5.02 -37.16
C GLY B 391 7.26 3.95 -36.41
N ARG B 392 6.03 4.30 -35.99
CA ARG B 392 5.15 3.40 -35.22
C ARG B 392 5.00 2.06 -35.98
N ASP B 393 5.14 2.04 -37.30
CA ASP B 393 4.76 0.85 -38.13
C ASP B 393 5.78 -0.27 -37.96
N ILE B 394 6.95 0.01 -37.36
CA ILE B 394 7.99 -1.02 -37.10
C ILE B 394 7.36 -2.15 -36.26
N ASN B 395 6.29 -1.81 -35.52
CA ASN B 395 5.63 -2.61 -34.46
C ASN B 395 4.13 -2.70 -34.77
N ARG B 396 3.77 -2.60 -36.06
CA ARG B 396 2.36 -2.77 -36.52
C ARG B 396 2.28 -3.63 -37.78
N HIS B 397 3.05 -4.71 -37.87
CA HIS B 397 2.96 -5.71 -38.96
C HIS B 397 1.49 -6.11 -39.20
N TYR B 398 1.11 -6.24 -40.47
CA TYR B 398 -0.18 -6.80 -40.91
C TYR B 398 0.01 -8.30 -41.11
N TYR B 399 -0.49 -9.16 -40.22
CA TYR B 399 -0.45 -10.63 -40.43
C TYR B 399 -1.55 -11.04 -41.40
N SER B 400 -1.21 -11.81 -42.42
CA SER B 400 -2.17 -12.61 -43.22
C SER B 400 -2.50 -13.92 -42.47
N LEU B 401 -3.61 -14.56 -42.81
CA LEU B 401 -4.01 -15.90 -42.27
C LEU B 401 -2.97 -16.96 -42.64
N GLU B 402 -2.34 -16.85 -43.79
CA GLU B 402 -1.21 -17.71 -44.23
C GLU B 402 -0.01 -17.50 -43.29
N GLU B 403 0.31 -16.23 -43.00
CA GLU B 403 1.43 -15.89 -42.09
C GLU B 403 1.14 -16.45 -40.71
N ILE B 404 -0.10 -16.33 -40.22
CA ILE B 404 -0.51 -16.83 -38.88
C ILE B 404 -0.34 -18.35 -38.82
N GLU B 405 -0.78 -19.09 -39.84
CA GLU B 405 -0.61 -20.56 -39.91
C GLU B 405 0.86 -20.91 -39.72
N LYS B 406 1.77 -20.16 -40.34
CA LYS B 406 3.24 -20.42 -40.19
C LYS B 406 3.69 -20.04 -38.76
N GLU B 407 3.18 -18.93 -38.19
CA GLU B 407 3.64 -18.42 -36.87
C GLU B 407 3.31 -19.41 -35.78
N LEU B 408 2.19 -20.13 -35.91
CA LEU B 408 1.74 -21.10 -34.89
C LEU B 408 2.70 -22.28 -34.80
N GLU B 409 3.51 -22.53 -35.83
CA GLU B 409 4.43 -23.70 -35.86
C GLU B 409 5.77 -23.35 -35.22
N ARG B 410 6.06 -22.07 -34.93
CA ARG B 410 7.40 -21.64 -34.43
C ARG B 410 7.55 -22.09 -32.97
N PRO B 411 8.64 -22.81 -32.62
CA PRO B 411 8.89 -23.18 -31.22
C PRO B 411 8.70 -22.04 -30.20
N VAL B 412 9.23 -20.84 -30.45
CA VAL B 412 9.14 -19.69 -29.48
C VAL B 412 7.65 -19.33 -29.32
N VAL B 413 6.86 -19.39 -30.40
CA VAL B 413 5.42 -19.00 -30.32
C VAL B 413 4.69 -20.06 -29.50
N GLN B 414 4.94 -21.36 -29.75
CA GLN B 414 4.30 -22.49 -29.03
C GLN B 414 4.69 -22.43 -27.57
N GLU B 415 5.94 -22.06 -27.29
CA GLU B 415 6.43 -21.92 -25.89
C GLU B 415 5.69 -20.74 -25.21
N LEU B 416 5.48 -19.63 -25.91
CA LEU B 416 4.74 -18.47 -25.33
C LEU B 416 3.27 -18.88 -25.07
N PHE B 417 2.66 -19.67 -25.97
CA PHE B 417 1.28 -20.17 -25.81
C PHE B 417 1.19 -21.06 -24.56
N ASP B 418 2.19 -21.88 -24.28
CA ASP B 418 2.24 -22.71 -23.05
C ASP B 418 2.22 -21.81 -21.81
N LEU B 419 2.96 -20.69 -21.84
CA LEU B 419 3.01 -19.70 -20.74
C LEU B 419 1.62 -19.13 -20.51
N MET B 420 0.96 -18.77 -21.61
CA MET B 420 -0.35 -18.10 -21.56
C MET B 420 -1.39 -19.10 -21.07
N LYS B 421 -1.39 -20.35 -21.57
CA LYS B 421 -2.30 -21.42 -21.10
C LYS B 421 -2.15 -21.64 -19.58
N PHE B 422 -0.92 -21.78 -19.10
CA PHE B 422 -0.55 -21.83 -17.67
C PHE B 422 -1.15 -20.63 -16.89
N ARG B 423 -0.99 -19.40 -17.37
CA ARG B 423 -1.54 -18.18 -16.69
C ARG B 423 -3.07 -18.27 -16.65
N ASN B 424 -3.69 -18.85 -17.67
CA ASN B 424 -5.18 -18.94 -17.79
C ASN B 424 -5.75 -20.16 -17.04
N GLN B 425 -4.96 -21.16 -16.71
CA GLN B 425 -5.41 -22.43 -16.10
C GLN B 425 -5.33 -22.41 -14.55
N SER B 426 -4.33 -21.79 -13.95
CA SER B 426 -4.03 -21.93 -12.50
C SER B 426 -4.90 -20.98 -11.67
N LYS B 427 -5.66 -21.51 -10.71
CA LYS B 427 -6.56 -20.70 -9.85
C LYS B 427 -5.69 -19.81 -8.95
N ALA B 428 -4.39 -20.09 -8.85
CA ALA B 428 -3.44 -19.41 -7.93
C ALA B 428 -3.43 -17.90 -8.24
N PHE B 429 -3.54 -17.55 -9.51
CA PHE B 429 -3.45 -16.13 -9.96
C PHE B 429 -4.65 -15.34 -9.45
N ASP B 430 -5.73 -15.98 -9.00
CA ASP B 430 -6.93 -15.29 -8.44
C ASP B 430 -6.72 -14.98 -6.94
N GLY B 431 -5.57 -15.33 -6.36
CA GLY B 431 -5.27 -15.13 -4.93
C GLY B 431 -4.27 -14.02 -4.73
N THR B 432 -3.19 -14.25 -3.97
CA THR B 432 -2.29 -13.17 -3.49
C THR B 432 -0.87 -13.55 -3.88
N VAL B 433 -0.01 -12.53 -4.06
CA VAL B 433 1.36 -12.68 -4.58
C VAL B 433 2.40 -12.40 -3.50
N ASP B 434 3.51 -13.15 -3.57
CA ASP B 434 4.70 -13.00 -2.70
C ASP B 434 5.91 -12.87 -3.62
N VAL B 435 6.69 -11.80 -3.46
CA VAL B 435 7.84 -11.47 -4.35
C VAL B 435 9.12 -11.58 -3.51
N GLN B 436 10.09 -12.36 -3.98
CA GLN B 436 11.34 -12.62 -3.24
C GLN B 436 12.53 -12.47 -4.18
N THR B 437 13.62 -11.94 -3.66
CA THR B 437 14.90 -11.82 -4.37
C THR B 437 15.90 -12.63 -3.56
N THR B 438 16.76 -13.33 -4.26
CA THR B 438 17.92 -14.05 -3.69
C THR B 438 19.15 -13.44 -4.33
N PHE B 439 20.10 -12.99 -3.53
CA PHE B 439 21.31 -12.31 -4.04
C PHE B 439 20.81 -11.11 -4.87
N ASP B 440 21.40 -10.80 -6.03
CA ASP B 440 21.01 -9.59 -6.82
C ASP B 440 20.40 -9.94 -8.17
N HIS B 441 20.39 -11.21 -8.55
CA HIS B 441 20.11 -11.64 -9.94
C HIS B 441 18.94 -12.62 -10.01
N LEU B 442 18.44 -13.13 -8.88
CA LEU B 442 17.36 -14.14 -8.85
C LEU B 442 16.08 -13.47 -8.37
N LEU B 443 14.94 -13.93 -8.90
CA LEU B 443 13.57 -13.45 -8.56
C LEU B 443 12.66 -14.66 -8.41
N LYS B 444 11.94 -14.74 -7.30
CA LYS B 444 10.88 -15.73 -7.08
C LYS B 444 9.55 -14.96 -6.95
N ILE B 445 8.54 -15.34 -7.73
CA ILE B 445 7.15 -14.79 -7.60
C ILE B 445 6.19 -15.96 -7.38
N THR B 446 5.49 -15.93 -6.25
CA THR B 446 4.59 -17.00 -5.77
C THR B 446 3.17 -16.47 -5.67
N TRP B 447 2.24 -17.04 -6.42
CA TRP B 447 0.78 -16.85 -6.27
C TRP B 447 0.21 -17.96 -5.42
N THR B 448 -0.61 -17.58 -4.45
CA THR B 448 -1.26 -18.52 -3.51
C THR B 448 -2.75 -18.20 -3.47
N ASN B 449 -3.57 -19.21 -3.67
CA ASN B 449 -5.03 -19.12 -3.51
C ASN B 449 -5.46 -20.43 -2.86
N GLY B 450 -5.56 -20.48 -1.53
CA GLY B 450 -5.98 -21.69 -0.84
C GLY B 450 -5.09 -22.87 -1.21
N ASP B 451 -5.61 -23.88 -1.89
CA ASP B 451 -4.92 -25.16 -2.16
C ASP B 451 -4.04 -25.05 -3.43
N SER B 452 -4.08 -23.91 -4.12
CA SER B 452 -3.36 -23.66 -5.40
C SER B 452 -2.21 -22.67 -5.18
N LYS B 453 -1.11 -22.93 -5.86
CA LYS B 453 0.15 -22.15 -5.81
C LYS B 453 0.76 -22.15 -7.21
N ALA B 454 1.25 -21.01 -7.66
CA ALA B 454 2.05 -20.93 -8.91
C ALA B 454 3.32 -20.17 -8.63
N VAL B 455 4.42 -20.59 -9.24
CA VAL B 455 5.76 -20.10 -8.87
C VAL B 455 6.59 -19.88 -10.12
N LEU B 456 7.25 -18.73 -10.15
CA LEU B 456 8.30 -18.41 -11.13
C LEU B 456 9.60 -18.22 -10.34
N GLU B 457 10.63 -18.96 -10.73
CA GLU B 457 12.03 -18.80 -10.27
C GLU B 457 12.85 -18.37 -11.48
N ALA B 458 13.42 -17.18 -11.44
CA ALA B 458 14.05 -16.59 -12.64
C ALA B 458 15.47 -16.17 -12.29
N ASN B 459 16.40 -16.48 -13.17
CA ASN B 459 17.77 -15.96 -13.09
C ASN B 459 17.87 -14.89 -14.16
N LEU B 460 17.93 -13.62 -13.76
CA LEU B 460 17.97 -12.46 -14.69
C LEU B 460 19.34 -12.33 -15.36
N ALA B 461 20.39 -12.92 -14.80
CA ALA B 461 21.75 -12.83 -15.36
C ALA B 461 21.88 -13.83 -16.52
N ASP B 462 21.44 -15.06 -16.37
CA ASP B 462 21.59 -16.07 -17.45
C ASP B 462 20.24 -16.28 -18.15
N LYS B 463 19.17 -15.59 -17.70
CA LYS B 463 17.86 -15.53 -18.38
C LYS B 463 17.19 -16.91 -18.37
N THR B 464 17.61 -17.81 -17.49
CA THR B 464 16.92 -19.12 -17.32
C THR B 464 15.81 -18.95 -16.27
N PHE B 465 14.79 -19.79 -16.36
CA PHE B 465 13.65 -19.74 -15.43
C PHE B 465 12.94 -21.08 -15.40
N LYS B 466 12.17 -21.24 -14.33
CA LYS B 466 11.28 -22.38 -14.09
C LYS B 466 9.93 -21.80 -13.70
N ILE B 467 8.87 -22.36 -14.25
CA ILE B 467 7.47 -22.06 -13.89
C ILE B 467 6.88 -23.37 -13.38
N TYR B 468 6.23 -23.34 -12.21
CA TYR B 468 5.39 -24.49 -11.79
C TYR B 468 4.14 -24.07 -11.04
N LEU B 469 3.14 -24.91 -11.24
CA LEU B 469 1.89 -24.84 -10.47
C LEU B 469 1.74 -26.15 -9.75
N GLU B 470 1.14 -26.09 -8.58
CA GLU B 470 0.59 -27.29 -7.91
C GLU B 470 -0.81 -26.96 -7.44
N HIS B 471 -1.66 -27.97 -7.52
CA HIS B 471 -2.97 -27.96 -6.85
C HIS B 471 -2.97 -29.13 -5.87
N HIS B 472 -3.09 -28.82 -4.57
CA HIS B 472 -3.31 -29.83 -3.49
C HIS B 472 -4.83 -30.02 -3.34
N HIS B 473 -5.30 -31.24 -3.63
CA HIS B 473 -6.74 -31.61 -3.63
C HIS B 473 -7.02 -32.46 -2.39
N HIS B 474 -7.57 -31.85 -1.34
CA HIS B 474 -8.15 -32.50 -0.13
C HIS B 474 -9.48 -31.79 0.15
N HIS B 475 -10.22 -32.17 1.21
CA HIS B 475 -11.53 -31.60 1.61
C HIS B 475 -12.61 -32.00 0.60
#